data_5A40
#
_entry.id   5A40
#
_cell.length_a   146.790
_cell.length_b   183.700
_cell.length_c   72.880
_cell.angle_alpha   90.00
_cell.angle_beta   90.00
_cell.angle_gamma   90.00
#
_symmetry.space_group_name_H-M   'P 21 21 2'
#
loop_
_entity.id
_entity.type
_entity.pdbx_description
1 polymer 'PUTATIVE FLUORIDE ION TRANSPORTER CRCB'
2 polymer MONOBODIES
3 non-polymer 'MERCURY (II) ION'
#
loop_
_entity_poly.entity_id
_entity_poly.type
_entity_poly.pdbx_seq_one_letter_code
_entity_poly.pdbx_strand_id
1 'polypeptide(L)'
;MLTYAPLNFIAIGIGATLGAWLRWVLGLKLNGAGWPWGTLTANLVGGYLIGVMVALIASHPEWPAWIRLAAVTGFLGGLT
TFSTFSAETVDMLCRGVYATAAAYAGASLAGSLAMTGLGLATVRLLLR
;
A,B,C,D
2 'polypeptide(L)'
;VSSVPTKLEVVAATPTSLLISWDAPAVTVDHYVITYGETGAYWSYQEFTVPGSKTATISGLKPGVDYTITVYAYWEHMYH
YSPISINYRT
;
E,F,G,H
#
loop_
_chem_comp.id
_chem_comp.type
_chem_comp.name
_chem_comp.formula
HG non-polymer 'MERCURY (II) ION' 'Hg 2'
#
# COMPACT_ATOMS: atom_id res chain seq x y z
N LEU A 2 27.52 17.53 6.51
CA LEU A 2 28.19 17.27 7.83
C LEU A 2 28.13 15.78 8.22
N THR A 3 27.02 15.07 7.91
CA THR A 3 26.88 13.64 8.33
C THR A 3 27.97 12.80 7.67
N TYR A 4 28.56 13.27 6.57
CA TYR A 4 29.63 12.50 5.91
C TYR A 4 31.03 13.12 6.03
N ALA A 5 31.23 13.93 7.05
CA ALA A 5 32.45 14.76 7.24
C ALA A 5 33.71 13.98 7.64
N PRO A 6 34.90 14.60 7.51
CA PRO A 6 36.14 13.91 7.84
C PRO A 6 36.41 13.84 9.34
N LEU A 7 35.91 14.81 10.12
CA LEU A 7 36.04 14.72 11.58
C LEU A 7 35.37 13.44 12.09
N ASN A 8 34.26 13.08 11.47
CA ASN A 8 33.45 11.96 11.93
C ASN A 8 34.13 10.62 11.71
N PHE A 9 34.64 10.38 10.51
CA PHE A 9 35.44 9.17 10.25
C PHE A 9 36.55 9.00 11.30
N ILE A 10 37.10 10.12 11.77
CA ILE A 10 38.16 10.13 12.80
C ILE A 10 37.61 9.83 14.18
N ALA A 11 36.54 10.53 14.55
CA ALA A 11 35.85 10.31 15.82
C ALA A 11 35.54 8.83 16.05
N ILE A 12 34.95 8.20 15.03
CA ILE A 12 34.62 6.78 15.07
C ILE A 12 35.88 5.94 15.17
N GLY A 13 36.76 6.04 14.18
CA GLY A 13 38.01 5.28 14.14
C GLY A 13 38.78 5.26 15.46
N ILE A 14 38.87 6.41 16.13
CA ILE A 14 39.50 6.51 17.45
C ILE A 14 38.80 5.66 18.51
N GLY A 15 37.51 5.93 18.74
CA GLY A 15 36.69 5.14 19.67
C GLY A 15 36.65 3.64 19.35
N ALA A 16 36.35 3.32 18.08
CA ALA A 16 36.41 1.94 17.55
C ALA A 16 37.74 1.26 17.90
N THR A 17 38.84 1.95 17.66
CA THR A 17 40.14 1.41 17.98
C THR A 17 40.34 1.23 19.49
N LEU A 18 39.97 2.24 20.29
CA LEU A 18 40.08 2.09 21.74
C LEU A 18 39.25 0.92 22.25
N GLY A 19 37.97 0.90 21.88
CA GLY A 19 37.11 -0.20 22.29
C GLY A 19 37.66 -1.57 21.90
N ALA A 20 38.07 -1.69 20.64
CA ALA A 20 38.62 -2.94 20.10
C ALA A 20 39.83 -3.43 20.88
N TRP A 21 40.67 -2.49 21.28
CA TRP A 21 41.85 -2.79 22.06
C TRP A 21 41.46 -3.32 23.43
N LEU A 22 40.58 -2.58 24.10
CA LEU A 22 40.12 -2.95 25.44
C LEU A 22 39.50 -4.34 25.44
N ARG A 23 38.65 -4.60 24.45
CA ARG A 23 38.00 -5.89 24.24
C ARG A 23 39.02 -7.00 24.14
N TRP A 24 40.03 -6.75 23.29
CA TRP A 24 41.09 -7.72 23.03
C TRP A 24 41.93 -8.01 24.26
N VAL A 25 42.39 -6.96 24.94
CA VAL A 25 43.04 -7.07 26.24
C VAL A 25 42.21 -7.89 27.25
N LEU A 26 40.96 -7.46 27.48
CA LEU A 26 39.98 -8.25 28.26
C LEU A 26 39.95 -9.72 27.86
N GLY A 27 39.90 -9.96 26.54
CA GLY A 27 39.90 -11.30 25.98
C GLY A 27 41.17 -12.10 26.21
N LEU A 28 42.30 -11.45 26.43
CA LEU A 28 43.53 -12.15 26.79
C LEU A 28 43.41 -12.49 28.27
N LYS A 29 43.29 -11.46 29.09
CA LYS A 29 43.19 -11.60 30.54
C LYS A 29 42.07 -12.52 31.05
N LEU A 30 40.97 -12.69 30.32
CA LEU A 30 39.85 -13.39 30.92
C LEU A 30 39.28 -14.53 30.14
N ASN A 31 39.79 -14.88 28.98
CA ASN A 31 38.92 -15.78 28.21
C ASN A 31 39.47 -17.05 27.54
N GLY A 32 38.82 -18.12 27.93
CA GLY A 32 39.12 -19.46 27.49
C GLY A 32 38.03 -19.90 26.54
N ALA A 33 38.23 -21.04 25.87
CA ALA A 33 37.27 -21.55 24.86
C ALA A 33 36.08 -22.22 25.54
N GLY A 34 36.33 -22.76 26.74
CA GLY A 34 35.32 -23.38 27.59
C GLY A 34 34.20 -22.44 28.03
N TRP A 35 34.57 -21.24 28.49
CA TRP A 35 33.61 -20.15 28.75
C TRP A 35 34.21 -18.77 28.67
N PRO A 36 33.84 -18.03 27.61
CA PRO A 36 34.52 -16.81 27.26
C PRO A 36 34.11 -15.60 28.09
N TRP A 37 34.81 -15.36 29.18
CA TRP A 37 34.44 -14.25 30.07
C TRP A 37 34.80 -12.91 29.47
N GLY A 38 36.00 -12.81 28.95
CA GLY A 38 36.49 -11.59 28.34
C GLY A 38 35.55 -11.04 27.31
N THR A 39 34.91 -11.93 26.58
CA THR A 39 33.93 -11.52 25.57
C THR A 39 32.65 -10.97 26.24
N LEU A 40 32.01 -11.83 27.02
CA LEU A 40 30.84 -11.49 27.83
C LEU A 40 31.01 -10.20 28.67
N THR A 41 32.15 -10.09 29.36
CA THR A 41 32.54 -8.88 30.06
C THR A 41 32.47 -7.64 29.19
N ALA A 42 33.15 -7.70 28.06
CA ALA A 42 33.11 -6.61 27.12
C ALA A 42 31.69 -6.36 26.60
N ASN A 43 30.99 -7.42 26.22
CA ASN A 43 29.62 -7.29 25.68
C ASN A 43 28.62 -6.71 26.67
N LEU A 44 28.82 -7.04 27.95
CA LEU A 44 27.93 -6.60 29.03
C LEU A 44 28.27 -5.20 29.52
N VAL A 45 29.56 -4.98 29.75
CA VAL A 45 30.02 -3.65 30.07
C VAL A 45 29.56 -2.72 28.96
N GLY A 46 29.83 -3.08 27.72
CA GLY A 46 29.29 -2.36 26.57
C GLY A 46 27.78 -2.16 26.57
N GLY A 47 27.04 -3.24 26.82
CA GLY A 47 25.59 -3.17 26.95
C GLY A 47 25.13 -2.15 28.00
N TYR A 48 25.85 -2.10 29.11
CA TYR A 48 25.52 -1.17 30.18
C TYR A 48 25.74 0.27 29.71
N LEU A 49 26.98 0.55 29.32
CA LEU A 49 27.39 1.90 28.95
C LEU A 49 26.55 2.46 27.82
N ILE A 50 26.11 1.62 26.90
CA ILE A 50 25.28 2.13 25.81
C ILE A 50 23.90 2.56 26.30
N GLY A 51 23.41 1.90 27.35
CA GLY A 51 22.20 2.35 28.00
C GLY A 51 22.38 3.74 28.58
N VAL A 52 23.50 3.92 29.26
CA VAL A 52 23.87 5.22 29.81
C VAL A 52 23.93 6.24 28.66
N MET A 53 24.79 5.95 27.69
CA MET A 53 25.05 6.85 26.60
C MET A 53 23.81 7.30 25.86
N VAL A 54 22.87 6.38 25.68
CA VAL A 54 21.63 6.71 24.98
C VAL A 54 20.78 7.66 25.83
N ALA A 55 20.65 7.37 27.12
CA ALA A 55 19.91 8.25 28.01
C ALA A 55 20.50 9.67 28.04
N LEU A 56 21.84 9.79 27.98
CA LEU A 56 22.50 11.10 27.99
C LEU A 56 22.36 11.85 26.69
N ILE A 57 22.31 11.12 25.58
CA ILE A 57 22.25 11.76 24.28
C ILE A 57 20.80 12.14 23.85
N ALA A 58 19.79 11.45 24.35
CA ALA A 58 18.45 11.97 24.18
C ALA A 58 18.33 13.24 25.03
N SER A 59 18.69 13.15 26.33
CA SER A 59 18.55 14.30 27.25
C SER A 59 19.41 15.51 26.85
N HIS A 60 20.42 15.32 26.01
CA HIS A 60 21.19 16.45 25.48
C HIS A 60 21.43 16.28 23.97
N PRO A 61 20.36 16.45 23.18
CA PRO A 61 20.39 16.28 21.72
C PRO A 61 21.13 17.38 21.03
N GLU A 62 21.48 18.41 21.81
CA GLU A 62 22.23 19.58 21.39
C GLU A 62 23.69 19.26 21.10
N TRP A 63 24.25 18.30 21.83
CA TRP A 63 25.69 17.99 21.75
C TRP A 63 26.10 17.78 20.31
N PRO A 64 27.39 17.97 20.01
CA PRO A 64 27.87 17.77 18.64
C PRO A 64 28.04 16.30 18.20
N ALA A 65 27.95 16.09 16.89
CA ALA A 65 27.96 14.75 16.29
C ALA A 65 29.09 13.90 16.82
N TRP A 66 30.32 14.40 16.73
CA TRP A 66 31.51 13.61 17.05
C TRP A 66 31.42 12.83 18.37
N ILE A 67 30.69 13.35 19.36
CA ILE A 67 30.56 12.67 20.67
C ILE A 67 29.81 11.34 20.60
N ARG A 68 28.62 11.38 20.03
CA ARG A 68 27.83 10.17 19.89
C ARG A 68 28.60 9.17 18.98
N LEU A 69 29.20 9.68 17.91
CA LEU A 69 29.89 8.85 16.92
C LEU A 69 31.11 8.14 17.50
N ALA A 70 31.81 8.83 18.37
CA ALA A 70 33.01 8.31 19.00
C ALA A 70 32.70 7.42 20.19
N ALA A 71 31.75 7.84 21.02
CA ALA A 71 31.35 7.07 22.22
C ALA A 71 30.65 5.78 21.84
N VAL A 72 29.58 5.92 21.07
CA VAL A 72 28.66 4.85 20.77
C VAL A 72 29.08 4.08 19.53
N THR A 73 29.15 4.78 18.41
CA THR A 73 29.37 4.11 17.16
C THR A 73 30.78 3.58 17.09
N GLY A 74 31.70 4.31 17.69
CA GLY A 74 33.11 3.88 17.73
C GLY A 74 33.40 2.98 18.90
N PHE A 75 33.55 3.59 20.08
CA PHE A 75 34.01 2.88 21.25
C PHE A 75 33.13 1.65 21.59
N LEU A 76 31.85 1.88 21.81
CA LEU A 76 30.96 0.77 22.15
C LEU A 76 30.74 -0.20 21.00
N GLY A 77 30.94 0.24 19.76
CA GLY A 77 30.85 -0.66 18.60
C GLY A 77 32.03 -1.62 18.45
N GLY A 78 33.20 -1.11 18.82
CA GLY A 78 34.44 -1.90 18.87
C GLY A 78 34.61 -2.66 20.17
N LEU A 79 34.14 -2.09 21.27
CA LEU A 79 34.19 -2.81 22.55
C LEU A 79 33.34 -4.08 22.51
N THR A 80 32.22 -4.02 21.80
CA THR A 80 31.32 -5.16 21.68
C THR A 80 31.42 -5.90 20.33
N THR A 81 31.01 -7.16 20.39
CA THR A 81 31.08 -8.07 19.24
C THR A 81 29.97 -9.10 19.25
N PHE A 82 29.41 -9.31 18.07
CA PHE A 82 28.44 -10.37 17.81
C PHE A 82 29.15 -11.48 17.06
N SER A 83 29.99 -11.11 16.09
CA SER A 83 30.89 -12.04 15.41
C SER A 83 31.55 -13.01 16.39
N THR A 84 32.51 -12.51 17.18
CA THR A 84 33.20 -13.33 18.19
C THR A 84 32.22 -14.19 18.98
N PHE A 85 31.20 -13.54 19.50
CA PHE A 85 30.20 -14.22 20.31
C PHE A 85 29.62 -15.42 19.58
N SER A 86 29.27 -15.19 18.32
CA SER A 86 28.62 -16.19 17.46
C SER A 86 29.57 -17.36 17.28
N ALA A 87 30.79 -17.05 16.87
CA ALA A 87 31.82 -18.04 16.67
C ALA A 87 32.08 -18.88 17.91
N GLU A 88 32.06 -18.25 19.08
CA GLU A 88 32.29 -18.96 20.35
C GLU A 88 31.14 -19.87 20.73
N THR A 89 29.93 -19.47 20.36
CA THR A 89 28.72 -20.21 20.70
C THR A 89 28.67 -21.44 19.82
N VAL A 90 28.93 -21.22 18.54
CA VAL A 90 28.95 -22.29 17.55
C VAL A 90 30.02 -23.32 17.95
N ASP A 91 31.24 -22.83 18.22
CA ASP A 91 32.31 -23.60 18.84
C ASP A 91 31.70 -24.54 19.88
N MET A 92 31.01 -24.00 20.87
CA MET A 92 30.38 -24.85 21.90
C MET A 92 29.46 -25.87 21.29
N LEU A 93 28.56 -25.42 20.41
CA LEU A 93 27.60 -26.31 19.79
C LEU A 93 28.35 -27.41 19.14
N CYS A 94 29.31 -27.05 18.29
CA CYS A 94 30.14 -28.04 17.62
C CYS A 94 30.77 -29.04 18.64
N ARG A 95 31.24 -28.55 19.78
CA ARG A 95 31.78 -29.43 20.83
C ARG A 95 30.75 -30.40 21.41
N GLY A 96 29.47 -30.04 21.28
CA GLY A 96 28.36 -30.89 21.69
C GLY A 96 27.69 -30.41 22.95
N VAL A 97 28.24 -29.35 23.56
CA VAL A 97 27.82 -28.87 24.88
C VAL A 97 26.68 -27.86 24.77
N TYR A 98 25.49 -28.36 24.46
CA TYR A 98 24.40 -27.50 24.09
C TYR A 98 23.96 -26.70 25.28
N ALA A 99 23.89 -27.32 26.45
CA ALA A 99 23.68 -26.60 27.69
C ALA A 99 24.50 -25.32 27.76
N THR A 100 25.81 -25.52 27.74
CA THR A 100 26.77 -24.43 27.82
C THR A 100 26.47 -23.39 26.78
N ALA A 101 26.28 -23.82 25.54
CA ALA A 101 26.02 -22.89 24.45
C ALA A 101 24.82 -22.03 24.77
N ALA A 102 23.72 -22.68 25.12
CA ALA A 102 22.47 -22.02 25.53
C ALA A 102 22.73 -21.02 26.64
N ALA A 103 23.40 -21.50 27.67
CA ALA A 103 23.85 -20.65 28.77
C ALA A 103 24.58 -19.41 28.27
N TYR A 104 25.67 -19.61 27.53
CA TYR A 104 26.45 -18.48 26.99
C TYR A 104 25.61 -17.54 26.11
N ALA A 105 24.70 -18.10 25.33
CA ALA A 105 23.82 -17.30 24.49
C ALA A 105 22.80 -16.53 25.29
N GLY A 106 22.23 -17.18 26.29
CA GLY A 106 21.28 -16.52 27.16
C GLY A 106 21.96 -15.42 27.96
N ALA A 107 23.08 -15.79 28.58
CA ALA A 107 23.89 -14.84 29.31
C ALA A 107 24.11 -13.65 28.42
N SER A 108 24.69 -13.90 27.26
CA SER A 108 25.13 -12.83 26.42
C SER A 108 23.93 -11.98 25.99
N LEU A 109 22.82 -12.63 25.65
CA LEU A 109 21.59 -11.90 25.20
C LEU A 109 20.81 -11.20 26.32
N ALA A 110 20.27 -11.98 27.25
CA ALA A 110 19.60 -11.44 28.42
C ALA A 110 20.49 -10.45 29.16
N GLY A 111 21.73 -10.85 29.42
CA GLY A 111 22.68 -9.97 30.06
C GLY A 111 22.73 -8.61 29.41
N SER A 112 23.08 -8.55 28.13
CA SER A 112 23.26 -7.26 27.44
C SER A 112 21.99 -6.43 27.54
N LEU A 113 20.84 -7.07 27.33
CA LEU A 113 19.55 -6.38 27.42
C LEU A 113 19.35 -5.77 28.79
N ALA A 114 19.49 -6.60 29.82
CA ALA A 114 19.50 -6.14 31.21
C ALA A 114 20.44 -4.95 31.39
N MET A 115 21.73 -5.17 31.15
CA MET A 115 22.70 -4.11 31.34
C MET A 115 22.23 -2.78 30.76
N THR A 116 21.76 -2.83 29.52
CA THR A 116 21.27 -1.64 28.84
C THR A 116 20.12 -1.01 29.59
N GLY A 117 19.23 -1.82 30.11
CA GLY A 117 18.19 -1.31 30.99
C GLY A 117 18.76 -0.61 32.23
N LEU A 118 19.68 -1.26 32.92
CA LEU A 118 20.29 -0.67 34.13
C LEU A 118 21.10 0.59 33.76
N GLY A 119 21.73 0.61 32.60
CA GLY A 119 22.42 1.80 32.12
C GLY A 119 21.49 2.98 31.84
N LEU A 120 20.31 2.68 31.32
CA LEU A 120 19.31 3.70 31.09
C LEU A 120 18.82 4.17 32.43
N ALA A 121 18.52 3.20 33.28
CA ALA A 121 17.97 3.45 34.62
C ALA A 121 18.91 4.29 35.46
N THR A 122 20.18 3.94 35.48
CA THR A 122 21.20 4.74 36.14
C THR A 122 21.17 6.21 35.79
N VAL A 123 20.91 6.53 34.54
CA VAL A 123 20.86 7.93 34.13
C VAL A 123 19.53 8.57 34.52
N ARG A 124 18.42 7.88 34.29
CA ARG A 124 17.09 8.42 34.67
C ARG A 124 17.02 8.67 36.16
N LEU A 125 17.55 7.73 36.93
CA LEU A 125 17.74 7.87 38.37
C LEU A 125 18.53 9.15 38.74
N LEU A 126 19.74 9.30 38.18
CA LEU A 126 20.61 10.45 38.48
C LEU A 126 20.36 11.69 37.62
N LEU A 127 19.09 11.96 37.31
CA LEU A 127 18.67 13.24 36.74
C LEU A 127 17.23 13.54 37.20
N ARG A 128 16.83 13.14 38.42
CA ARG A 128 15.41 13.24 38.79
C ARG A 128 14.82 14.68 38.70
N ALA B 5 52.58 -6.91 21.84
CA ALA B 5 53.50 -6.22 20.88
C ALA B 5 52.82 -5.01 20.27
N PRO B 6 53.62 -4.08 19.72
CA PRO B 6 53.04 -2.87 19.16
C PRO B 6 52.45 -3.07 17.78
N LEU B 7 52.96 -4.03 17.01
CA LEU B 7 52.36 -4.33 15.71
C LEU B 7 50.90 -4.70 15.88
N ASN B 8 50.63 -5.43 16.96
CA ASN B 8 49.32 -6.00 17.20
C ASN B 8 48.28 -4.95 17.53
N PHE B 9 48.59 -4.04 18.45
CA PHE B 9 47.72 -2.91 18.73
C PHE B 9 47.33 -2.17 17.44
N ILE B 10 48.27 -2.12 16.48
CA ILE B 10 48.05 -1.47 15.19
C ILE B 10 47.17 -2.30 14.26
N ALA B 11 47.50 -3.59 14.16
CA ALA B 11 46.71 -4.56 13.37
C ALA B 11 45.23 -4.50 13.72
N ILE B 12 44.93 -4.54 15.02
CA ILE B 12 43.58 -4.45 15.53
C ILE B 12 42.95 -3.12 15.20
N GLY B 13 43.56 -2.04 15.72
CA GLY B 13 43.07 -0.67 15.48
C GLY B 13 42.66 -0.37 14.04
N ILE B 14 43.47 -0.83 13.08
CA ILE B 14 43.17 -0.66 11.66
C ILE B 14 41.87 -1.37 11.24
N GLY B 15 41.84 -2.70 11.44
CA GLY B 15 40.65 -3.51 11.17
C GLY B 15 39.42 -2.99 11.91
N ALA B 16 39.56 -2.80 13.22
CA ALA B 16 38.51 -2.22 14.07
C ALA B 16 37.97 -0.94 13.48
N THR B 17 38.86 -0.06 13.05
CA THR B 17 38.43 1.18 12.43
C THR B 17 37.72 0.95 11.08
N LEU B 18 38.28 0.10 10.24
CA LEU B 18 37.61 -0.20 8.97
C LEU B 18 36.22 -0.78 9.19
N GLY B 19 36.13 -1.83 9.99
CA GLY B 19 34.84 -2.44 10.31
C GLY B 19 33.84 -1.43 10.85
N ALA B 20 34.28 -0.62 11.83
CA ALA B 20 33.43 0.37 12.48
C ALA B 20 32.87 1.39 11.49
N TRP B 21 33.71 1.77 10.53
CA TRP B 21 33.28 2.68 9.48
C TRP B 21 32.22 2.03 8.60
N LEU B 22 32.51 0.83 8.13
CA LEU B 22 31.61 0.11 7.24
C LEU B 22 30.23 -0.04 7.89
N ARG B 23 30.26 -0.44 9.17
CA ARG B 23 29.04 -0.63 9.99
C ARG B 23 28.23 0.63 10.03
N TRP B 24 28.92 1.72 10.29
CA TRP B 24 28.29 3.03 10.41
C TRP B 24 27.67 3.48 9.10
N VAL B 25 28.45 3.39 8.02
CA VAL B 25 27.95 3.63 6.66
C VAL B 25 26.70 2.81 6.34
N LEU B 26 26.80 1.48 6.48
CA LEU B 26 25.64 0.58 6.41
C LEU B 26 24.46 1.08 7.21
N GLY B 27 24.74 1.52 8.44
CA GLY B 27 23.73 2.06 9.35
C GLY B 27 23.08 3.36 8.91
N LEU B 28 23.78 4.15 8.09
CA LEU B 28 23.18 5.33 7.51
C LEU B 28 22.28 4.85 6.38
N LYS B 29 22.89 4.19 5.39
CA LYS B 29 22.19 3.71 4.21
C LYS B 29 21.00 2.78 4.47
N LEU B 30 20.94 2.06 5.58
CA LEU B 30 19.90 1.04 5.73
C LEU B 30 19.08 1.08 7.00
N ASN B 31 19.32 2.01 7.91
CA ASN B 31 18.89 1.82 9.28
C ASN B 31 17.83 2.80 9.83
N GLY B 32 16.62 2.31 10.09
CA GLY B 32 15.58 3.08 10.79
C GLY B 32 15.38 2.49 12.19
N ALA B 33 14.65 3.20 13.04
CA ALA B 33 14.45 2.76 14.45
C ALA B 33 13.39 1.66 14.52
N GLY B 34 12.47 1.69 13.55
CA GLY B 34 11.41 0.69 13.40
C GLY B 34 11.92 -0.73 13.16
N TRP B 35 12.91 -0.87 12.26
CA TRP B 35 13.64 -2.14 12.08
C TRP B 35 15.03 -1.99 11.51
N PRO B 36 16.05 -2.20 12.36
CA PRO B 36 17.39 -1.80 12.03
C PRO B 36 18.10 -2.77 11.10
N TRP B 37 18.01 -2.52 9.80
CA TRP B 37 18.65 -3.39 8.83
C TRP B 37 20.17 -3.24 8.82
N GLY B 38 20.63 -2.01 8.77
CA GLY B 38 22.07 -1.72 8.73
C GLY B 38 22.81 -2.44 9.82
N THR B 39 22.19 -2.57 10.98
CA THR B 39 22.82 -3.24 12.10
C THR B 39 22.87 -4.74 11.84
N LEU B 40 21.69 -5.33 11.67
CA LEU B 40 21.54 -6.75 11.34
C LEU B 40 22.41 -7.19 10.15
N THR B 41 22.41 -6.40 9.09
CA THR B 41 23.29 -6.60 7.94
C THR B 41 24.74 -6.76 8.34
N ALA B 42 25.22 -5.77 9.09
CA ALA B 42 26.57 -5.80 9.58
C ALA B 42 26.79 -7.02 10.51
N ASN B 43 25.86 -7.25 11.43
CA ASN B 43 25.97 -8.36 12.39
C ASN B 43 25.98 -9.74 11.73
N LEU B 44 25.23 -9.86 10.64
CA LEU B 44 25.10 -11.13 9.92
C LEU B 44 26.22 -11.34 8.96
N VAL B 45 26.52 -10.30 8.19
CA VAL B 45 27.68 -10.36 7.32
C VAL B 45 28.88 -10.69 8.18
N GLY B 46 29.05 -9.96 9.27
CA GLY B 46 30.07 -10.30 10.25
C GLY B 46 30.04 -11.75 10.76
N GLY B 47 28.85 -12.19 11.15
CA GLY B 47 28.66 -13.57 11.58
C GLY B 47 29.12 -14.59 10.55
N TYR B 48 28.84 -14.31 9.29
CA TYR B 48 29.24 -15.20 8.21
C TYR B 48 30.77 -15.25 8.10
N LEU B 49 31.36 -14.08 7.88
CA LEU B 49 32.78 -13.97 7.61
C LEU B 49 33.60 -14.53 8.75
N ILE B 50 33.12 -14.41 9.98
CA ILE B 50 33.88 -14.97 11.11
C ILE B 50 33.88 -16.49 11.09
N GLY B 51 32.81 -17.09 10.59
CA GLY B 51 32.77 -18.53 10.34
C GLY B 51 33.84 -18.91 9.34
N VAL B 52 33.92 -18.16 8.25
CA VAL B 52 34.96 -18.35 7.24
C VAL B 52 36.34 -18.22 7.88
N MET B 53 36.56 -17.05 8.47
CA MET B 53 37.85 -16.72 9.07
C MET B 53 38.34 -17.76 10.04
N VAL B 54 37.44 -18.29 10.86
CA VAL B 54 37.82 -19.30 11.85
C VAL B 54 38.23 -20.62 11.18
N ALA B 55 37.46 -21.04 10.19
CA ALA B 55 37.82 -22.23 9.42
C ALA B 55 39.19 -22.09 8.74
N LEU B 56 39.51 -20.90 8.24
CA LEU B 56 40.80 -20.66 7.59
C LEU B 56 41.95 -20.61 8.56
N ILE B 57 41.71 -20.12 9.77
CA ILE B 57 42.78 -19.95 10.73
C ILE B 57 43.04 -21.22 11.54
N ALA B 58 42.07 -22.10 11.70
CA ALA B 58 42.40 -23.43 12.19
C ALA B 58 43.21 -24.18 11.12
N SER B 59 42.68 -24.22 9.88
CA SER B 59 43.37 -24.94 8.80
C SER B 59 44.77 -24.37 8.45
N HIS B 60 45.07 -23.13 8.84
CA HIS B 60 46.41 -22.59 8.67
C HIS B 60 46.88 -21.87 9.95
N PRO B 61 47.18 -22.65 11.00
CA PRO B 61 47.55 -22.12 12.32
C PRO B 61 48.94 -21.55 12.31
N GLU B 62 49.65 -21.76 11.19
CA GLU B 62 51.00 -21.26 10.96
C GLU B 62 51.04 -19.77 10.69
N TRP B 63 49.98 -19.21 10.10
CA TRP B 63 49.93 -17.78 9.75
C TRP B 63 50.34 -16.91 10.94
N PRO B 64 50.81 -15.69 10.68
CA PRO B 64 51.23 -14.79 11.75
C PRO B 64 50.09 -14.10 12.50
N ALA B 65 50.38 -13.72 13.74
CA ALA B 65 49.39 -13.13 14.67
C ALA B 65 48.58 -12.01 14.02
N TRP B 66 49.28 -11.00 13.50
CA TRP B 66 48.63 -9.80 13.00
C TRP B 66 47.39 -10.08 12.08
N ILE B 67 47.37 -11.20 11.34
CA ILE B 67 46.26 -11.51 10.44
C ILE B 67 44.96 -11.78 11.17
N ARG B 68 45.01 -12.70 12.13
CA ARG B 68 43.83 -13.04 12.91
C ARG B 68 43.37 -11.80 13.71
N LEU B 69 44.35 -11.08 14.27
CA LEU B 69 44.06 -9.90 15.10
C LEU B 69 43.39 -8.77 14.33
N ALA B 70 43.80 -8.60 13.09
CA ALA B 70 43.28 -7.56 12.24
C ALA B 70 41.96 -7.95 11.59
N ALA B 71 41.89 -9.19 11.11
CA ALA B 71 40.67 -9.68 10.43
C ALA B 71 39.51 -9.87 11.41
N VAL B 72 39.78 -10.63 12.46
CA VAL B 72 38.77 -11.10 13.38
C VAL B 72 38.61 -10.13 14.53
N THR B 73 39.67 -9.94 15.28
CA THR B 73 39.58 -9.15 16.49
C THR B 73 39.33 -7.69 16.17
N GLY B 74 39.93 -7.21 15.08
CA GLY B 74 39.71 -5.84 14.63
C GLY B 74 38.48 -5.70 13.76
N PHE B 75 38.61 -6.09 12.50
CA PHE B 75 37.58 -5.82 11.50
C PHE B 75 36.22 -6.37 11.91
N LEU B 76 36.15 -7.67 12.14
CA LEU B 76 34.87 -8.27 12.50
C LEU B 76 34.38 -7.83 13.89
N GLY B 77 35.29 -7.38 14.76
CA GLY B 77 34.90 -6.89 16.09
C GLY B 77 34.26 -5.51 16.04
N GLY B 78 34.75 -4.68 15.12
CA GLY B 78 34.20 -3.36 14.85
C GLY B 78 33.04 -3.39 13.86
N LEU B 79 33.07 -4.30 12.91
CA LEU B 79 31.94 -4.46 12.00
C LEU B 79 30.68 -4.84 12.76
N THR B 80 30.84 -5.66 13.80
CA THR B 80 29.71 -6.13 14.58
C THR B 80 29.57 -5.42 15.94
N THR B 81 28.34 -5.48 16.44
CA THR B 81 27.98 -4.83 17.68
C THR B 81 26.86 -5.57 18.42
N PHE B 82 27.04 -5.66 19.73
CA PHE B 82 26.02 -6.17 20.66
C PHE B 82 25.40 -4.97 21.39
N SER B 83 26.25 -4.02 21.78
CA SER B 83 25.80 -2.72 22.29
C SER B 83 24.62 -2.10 21.49
N THR B 84 24.90 -1.59 20.28
CA THR B 84 23.88 -1.08 19.39
C THR B 84 22.65 -1.98 19.31
N PHE B 85 22.90 -3.27 19.07
CA PHE B 85 21.83 -4.25 18.97
C PHE B 85 20.92 -4.24 20.20
N SER B 86 21.55 -4.22 21.38
CA SER B 86 20.87 -4.25 22.66
C SER B 86 20.03 -3.01 22.82
N ALA B 87 20.67 -1.86 22.62
CA ALA B 87 19.97 -0.58 22.67
C ALA B 87 18.76 -0.49 21.72
N GLU B 88 18.88 -1.05 20.53
CA GLU B 88 17.78 -1.07 19.55
C GLU B 88 16.62 -2.00 19.93
N THR B 89 16.96 -3.08 20.63
CA THR B 89 15.97 -4.07 21.02
C THR B 89 15.19 -3.51 22.16
N VAL B 90 15.91 -2.91 23.11
CA VAL B 90 15.31 -2.28 24.29
C VAL B 90 14.39 -1.13 23.87
N ASP B 91 14.91 -0.26 23.01
CA ASP B 91 14.12 0.71 22.26
C ASP B 91 12.76 0.08 21.86
N MET B 92 12.77 -1.01 21.10
CA MET B 92 11.53 -1.67 20.69
C MET B 92 10.68 -2.06 21.88
N LEU B 93 11.30 -2.72 22.85
CA LEU B 93 10.60 -3.13 24.05
C LEU B 93 9.93 -1.92 24.68
N CYS B 94 10.72 -0.89 24.94
CA CYS B 94 10.17 0.35 25.48
C CYS B 94 8.98 0.87 24.64
N ARG B 95 9.06 0.82 23.32
CA ARG B 95 7.95 1.22 22.45
C ARG B 95 6.70 0.36 22.63
N GLY B 96 6.89 -0.86 23.13
CA GLY B 96 5.79 -1.76 23.46
C GLY B 96 5.66 -2.91 22.48
N VAL B 97 6.46 -2.88 21.43
CA VAL B 97 6.32 -3.83 20.32
C VAL B 97 7.13 -5.10 20.55
N TYR B 98 6.62 -5.93 21.43
CA TYR B 98 7.38 -7.07 21.93
C TYR B 98 7.61 -8.12 20.86
N ALA B 99 6.58 -8.39 20.07
CA ALA B 99 6.77 -9.15 18.83
C ALA B 99 8.02 -8.73 18.05
N THR B 100 8.02 -7.48 17.60
CA THR B 100 9.12 -6.92 16.83
C THR B 100 10.44 -7.14 17.52
N ALA B 101 10.50 -6.82 18.81
CA ALA B 101 11.73 -6.97 19.60
C ALA B 101 12.24 -8.41 19.55
N ALA B 102 11.35 -9.34 19.89
CA ALA B 102 11.62 -10.76 19.81
C ALA B 102 12.14 -11.15 18.43
N ALA B 103 11.38 -10.75 17.41
CA ALA B 103 11.79 -10.90 16.02
C ALA B 103 13.21 -10.40 15.77
N TYR B 104 13.47 -9.11 16.04
CA TYR B 104 14.81 -8.56 15.87
C TYR B 104 15.88 -9.31 16.66
N ALA B 105 15.53 -9.76 17.86
CA ALA B 105 16.49 -10.49 18.70
C ALA B 105 16.74 -11.89 18.16
N GLY B 106 15.69 -12.53 17.71
CA GLY B 106 15.80 -13.86 17.12
C GLY B 106 16.55 -13.81 15.81
N ALA B 107 16.16 -12.86 14.94
CA ALA B 107 16.87 -12.58 13.69
C ALA B 107 18.34 -12.42 13.99
N SER B 108 18.63 -11.46 14.86
CA SER B 108 20.00 -11.13 15.13
C SER B 108 20.77 -12.34 15.71
N LEU B 109 20.16 -13.07 16.66
CA LEU B 109 20.83 -14.24 17.29
C LEU B 109 20.91 -15.47 16.39
N ALA B 110 19.76 -16.02 16.04
CA ALA B 110 19.70 -17.16 15.12
C ALA B 110 20.45 -16.85 13.85
N GLY B 111 20.16 -15.69 13.27
CA GLY B 111 20.84 -15.27 12.06
C GLY B 111 22.35 -15.42 12.19
N SER B 112 22.94 -14.71 13.17
CA SER B 112 24.40 -14.70 13.31
C SER B 112 24.93 -16.12 13.46
N LEU B 113 24.26 -16.92 14.27
CA LEU B 113 24.67 -18.30 14.48
C LEU B 113 24.68 -19.09 13.18
N ALA B 114 23.54 -19.06 12.49
CA ALA B 114 23.42 -19.62 11.13
C ALA B 114 24.57 -19.15 10.25
N MET B 115 24.65 -17.84 10.02
CA MET B 115 25.71 -17.28 9.17
C MET B 115 27.08 -17.90 9.45
N THR B 116 27.44 -17.94 10.72
CA THR B 116 28.71 -18.51 11.16
C THR B 116 28.84 -19.97 10.77
N GLY B 117 27.75 -20.71 10.89
CA GLY B 117 27.72 -22.06 10.36
C GLY B 117 27.96 -22.15 8.86
N LEU B 118 27.23 -21.35 8.09
CA LEU B 118 27.41 -21.32 6.64
C LEU B 118 28.81 -20.83 6.28
N GLY B 119 29.36 -19.89 7.04
CA GLY B 119 30.74 -19.44 6.84
C GLY B 119 31.77 -20.51 7.10
N LEU B 120 31.53 -21.34 8.10
CA LEU B 120 32.40 -22.47 8.36
C LEU B 120 32.26 -23.46 7.25
N ALA B 121 31.00 -23.75 6.92
CA ALA B 121 30.64 -24.73 5.90
C ALA B 121 31.23 -24.36 4.55
N THR B 122 31.07 -23.11 4.13
CA THR B 122 31.62 -22.63 2.87
C THR B 122 33.14 -22.91 2.78
N VAL B 123 33.86 -22.87 3.89
CA VAL B 123 35.28 -23.17 3.85
C VAL B 123 35.54 -24.66 3.83
N ARG B 124 34.85 -25.42 4.67
CA ARG B 124 35.02 -26.89 4.67
C ARG B 124 34.66 -27.50 3.32
N LEU B 125 33.59 -26.99 2.71
CA LEU B 125 33.21 -27.30 1.33
C LEU B 125 34.32 -27.02 0.30
N LEU B 126 34.84 -25.79 0.29
CA LEU B 126 35.90 -25.37 -0.65
C LEU B 126 37.33 -25.64 -0.16
N LEU B 127 37.52 -26.79 0.52
CA LEU B 127 38.85 -27.35 0.76
C LEU B 127 38.73 -28.87 0.72
N ARG B 128 37.92 -29.35 -0.24
CA ARG B 128 37.72 -30.78 -0.51
C ARG B 128 37.34 -31.03 -1.96
N LEU C 2 -40.49 -15.38 -11.44
CA LEU C 2 -38.99 -15.38 -11.58
C LEU C 2 -38.42 -13.98 -11.91
N THR C 3 -39.14 -13.15 -12.68
CA THR C 3 -38.63 -11.80 -13.06
C THR C 3 -38.46 -10.95 -11.81
N TYR C 4 -39.16 -11.29 -10.72
CA TYR C 4 -39.02 -10.52 -9.48
C TYR C 4 -38.29 -11.22 -8.31
N ALA C 5 -37.46 -12.21 -8.66
CA ALA C 5 -36.81 -13.17 -7.73
C ALA C 5 -35.70 -12.61 -6.85
N PRO C 6 -35.29 -13.36 -5.79
CA PRO C 6 -34.27 -12.85 -4.88
C PRO C 6 -32.86 -13.01 -5.43
N LEU C 7 -32.63 -14.01 -6.28
CA LEU C 7 -31.34 -14.15 -6.93
C LEU C 7 -31.01 -12.88 -7.71
N ASN C 8 -32.04 -12.31 -8.35
CA ASN C 8 -31.88 -11.19 -9.26
C ASN C 8 -31.47 -9.90 -8.55
N PHE C 9 -32.17 -9.57 -7.47
CA PHE C 9 -31.76 -8.44 -6.61
C PHE C 9 -30.29 -8.54 -6.18
N ILE C 10 -29.82 -9.77 -5.99
CA ILE C 10 -28.42 -10.04 -5.62
C ILE C 10 -27.49 -9.88 -6.82
N ALA C 11 -27.85 -10.50 -7.94
CA ALA C 11 -27.08 -10.40 -9.18
C ALA C 11 -26.77 -8.94 -9.51
N ILE C 12 -27.81 -8.11 -9.48
CA ILE C 12 -27.68 -6.68 -9.76
C ILE C 12 -26.78 -6.02 -8.73
N GLY C 13 -27.20 -6.07 -7.46
CA GLY C 13 -26.45 -5.46 -6.36
C GLY C 13 -24.96 -5.71 -6.41
N ILE C 14 -24.57 -6.94 -6.73
CA ILE C 14 -23.16 -7.29 -6.86
C ILE C 14 -22.47 -6.53 -7.98
N GLY C 15 -22.98 -6.70 -9.20
CA GLY C 15 -22.44 -5.98 -10.37
C GLY C 15 -22.45 -4.47 -10.16
N ALA C 16 -23.60 -3.94 -9.74
CA ALA C 16 -23.76 -2.51 -9.42
C ALA C 16 -22.69 -2.04 -8.44
N THR C 17 -22.44 -2.82 -7.40
CA THR C 17 -21.40 -2.47 -6.44
C THR C 17 -20.00 -2.54 -7.03
N LEU C 18 -19.71 -3.59 -7.78
CA LEU C 18 -18.41 -3.65 -8.50
C LEU C 18 -18.20 -2.49 -9.48
N GLY C 19 -19.14 -2.28 -10.39
CA GLY C 19 -19.05 -1.14 -11.31
C GLY C 19 -18.87 0.20 -10.60
N ALA C 20 -19.69 0.45 -9.58
CA ALA C 20 -19.65 1.70 -8.80
C ALA C 20 -18.30 1.92 -8.14
N TRP C 21 -17.71 0.85 -7.64
CA TRP C 21 -16.38 0.91 -7.06
C TRP C 21 -15.33 1.27 -8.11
N LEU C 22 -15.34 0.55 -9.22
CA LEU C 22 -14.38 0.78 -10.30
C LEU C 22 -14.45 2.23 -10.77
N ARG C 23 -15.68 2.71 -10.96
CA ARG C 23 -15.94 4.08 -11.41
C ARG C 23 -15.32 5.08 -10.47
N TRP C 24 -15.55 4.82 -9.19
CA TRP C 24 -15.09 5.70 -8.14
C TRP C 24 -13.57 5.74 -8.05
N VAL C 25 -12.95 4.56 -8.03
CA VAL C 25 -11.50 4.43 -8.14
C VAL C 25 -10.95 5.19 -9.35
N LEU C 26 -11.43 4.86 -10.57
CA LEU C 26 -11.14 5.65 -11.80
C LEU C 26 -11.26 7.16 -11.60
N GLY C 27 -12.34 7.58 -10.94
CA GLY C 27 -12.57 8.98 -10.61
C GLY C 27 -11.60 9.61 -9.64
N LEU C 28 -10.97 8.80 -8.79
CA LEU C 28 -9.94 9.32 -7.90
C LEU C 28 -8.71 9.48 -8.77
N LYS C 29 -8.25 8.36 -9.32
CA LYS C 29 -7.05 8.33 -10.16
C LYS C 29 -7.03 9.27 -11.37
N LEU C 30 -8.16 9.67 -11.93
CA LEU C 30 -8.12 10.40 -13.19
C LEU C 30 -8.90 11.69 -13.24
N ASN C 31 -9.55 12.09 -12.17
CA ASN C 31 -10.62 13.06 -12.31
C ASN C 31 -10.41 14.44 -11.65
N GLY C 32 -10.29 15.51 -12.45
CA GLY C 32 -10.30 16.89 -11.95
C GLY C 32 -11.59 17.58 -12.37
N ALA C 33 -11.84 18.78 -11.83
CA ALA C 33 -13.10 19.52 -12.12
C ALA C 33 -13.04 20.20 -13.48
N GLY C 34 -11.82 20.55 -13.87
CA GLY C 34 -11.52 21.15 -15.17
C GLY C 34 -11.90 20.31 -16.37
N TRP C 35 -11.55 19.00 -16.31
CA TRP C 35 -11.98 18.00 -17.31
C TRP C 35 -11.99 16.58 -16.79
N PRO C 36 -13.18 16.04 -16.57
CA PRO C 36 -13.33 14.82 -15.82
C PRO C 36 -13.05 13.57 -16.64
N TRP C 37 -11.80 13.10 -16.59
CA TRP C 37 -11.42 11.93 -17.35
C TRP C 37 -11.95 10.62 -16.77
N GLY C 38 -11.79 10.48 -15.47
CA GLY C 38 -12.30 9.30 -14.75
C GLY C 38 -13.75 8.98 -15.04
N THR C 39 -14.55 10.03 -15.20
CA THR C 39 -15.94 9.86 -15.53
C THR C 39 -16.10 9.36 -16.97
N LEU C 40 -15.64 10.17 -17.90
CA LEU C 40 -15.61 9.84 -19.33
C LEU C 40 -15.04 8.45 -19.64
N THR C 41 -13.90 8.14 -19.02
CA THR C 41 -13.32 6.82 -19.10
C THR C 41 -14.30 5.72 -18.74
N ALA C 42 -14.91 5.87 -17.56
CA ALA C 42 -15.90 4.92 -17.09
C ALA C 42 -17.11 4.88 -18.05
N ASN C 43 -17.59 6.06 -18.46
CA ASN C 43 -18.74 6.14 -19.35
C ASN C 43 -18.50 5.52 -20.71
N LEU C 44 -17.27 5.63 -21.21
CA LEU C 44 -16.89 5.15 -22.55
C LEU C 44 -16.55 3.68 -22.52
N VAL C 45 -15.75 3.30 -21.54
CA VAL C 45 -15.49 1.90 -21.34
C VAL C 45 -16.83 1.19 -21.20
N GLY C 46 -17.67 1.71 -20.30
CA GLY C 46 -19.03 1.19 -20.17
C GLY C 46 -19.80 1.14 -21.47
N GLY C 47 -19.76 2.24 -22.21
CA GLY C 47 -20.42 2.32 -23.52
C GLY C 47 -19.97 1.21 -24.47
N TYR C 48 -18.68 0.92 -24.43
CA TYR C 48 -18.13 -0.10 -25.29
C TYR C 48 -18.67 -1.47 -24.87
N LEU C 49 -18.40 -1.82 -23.61
CA LEU C 49 -18.75 -3.14 -23.10
C LEU C 49 -20.25 -3.43 -23.24
N ILE C 50 -21.10 -2.41 -23.12
CA ILE C 50 -22.54 -2.66 -23.26
C ILE C 50 -22.91 -2.98 -24.69
N GLY C 51 -22.16 -2.43 -25.65
CA GLY C 51 -22.29 -2.84 -27.04
C GLY C 51 -21.97 -4.33 -27.22
N VAL C 52 -20.86 -4.74 -26.62
CA VAL C 52 -20.48 -6.15 -26.60
C VAL C 52 -21.59 -6.98 -25.98
N MET C 53 -21.90 -6.65 -24.73
CA MET C 53 -22.87 -7.39 -23.95
C MET C 53 -24.19 -7.58 -24.64
N VAL C 54 -24.65 -6.55 -25.34
CA VAL C 54 -25.94 -6.62 -26.03
C VAL C 54 -25.86 -7.56 -27.22
N ALA C 55 -24.78 -7.46 -27.99
CA ALA C 55 -24.58 -8.38 -29.10
C ALA C 55 -24.52 -9.86 -28.62
N LEU C 56 -23.91 -10.12 -27.47
CA LEU C 56 -23.81 -11.50 -26.92
C LEU C 56 -25.11 -12.00 -26.38
N ILE C 57 -25.93 -11.11 -25.85
CA ILE C 57 -27.17 -11.53 -25.25
C ILE C 57 -28.33 -11.66 -26.24
N ALA C 58 -28.30 -10.94 -27.35
CA ALA C 58 -29.22 -11.26 -28.42
C ALA C 58 -28.81 -12.63 -29.00
N SER C 59 -27.54 -12.78 -29.37
CA SER C 59 -27.06 -14.03 -30.00
C SER C 59 -27.16 -15.27 -29.07
N HIS C 60 -27.30 -15.06 -27.76
CA HIS C 60 -27.59 -16.15 -26.84
C HIS C 60 -28.71 -15.79 -25.85
N PRO C 61 -29.98 -15.69 -26.34
CA PRO C 61 -31.16 -15.31 -25.55
C PRO C 61 -31.59 -16.42 -24.60
N GLU C 62 -30.94 -17.57 -24.75
CA GLU C 62 -31.13 -18.76 -23.91
C GLU C 62 -30.52 -18.61 -22.50
N TRP C 63 -29.42 -17.84 -22.38
CA TRP C 63 -28.68 -17.68 -21.11
C TRP C 63 -29.63 -17.29 -20.01
N PRO C 64 -29.25 -17.55 -18.76
CA PRO C 64 -30.15 -17.25 -17.62
C PRO C 64 -30.15 -15.76 -17.23
N ALA C 65 -31.26 -15.36 -16.63
CA ALA C 65 -31.50 -13.97 -16.28
C ALA C 65 -30.32 -13.33 -15.59
N TRP C 66 -29.87 -13.96 -14.50
CA TRP C 66 -28.86 -13.35 -13.63
C TRP C 66 -27.65 -12.76 -14.38
N ILE C 67 -27.29 -13.33 -15.53
CA ILE C 67 -26.12 -12.85 -16.29
C ILE C 67 -26.31 -11.46 -16.86
N ARG C 68 -27.40 -11.27 -17.57
CA ARG C 68 -27.70 -9.96 -18.14
C ARG C 68 -27.90 -8.92 -17.00
N LEU C 69 -28.58 -9.33 -15.95
CA LEU C 69 -28.90 -8.44 -14.83
C LEU C 69 -27.66 -7.97 -14.09
N ALA C 70 -26.68 -8.87 -13.97
CA ALA C 70 -25.48 -8.58 -13.26
C ALA C 70 -24.47 -7.84 -14.11
N ALA C 71 -24.32 -8.28 -15.35
CA ALA C 71 -23.38 -7.66 -16.28
C ALA C 71 -23.80 -6.25 -16.67
N VAL C 72 -25.03 -6.16 -17.18
CA VAL C 72 -25.54 -4.95 -17.81
C VAL C 72 -26.22 -4.08 -16.79
N THR C 73 -27.26 -4.62 -16.16
CA THR C 73 -28.08 -3.81 -15.29
C THR C 73 -27.33 -3.43 -14.04
N GLY C 74 -26.51 -4.35 -13.55
CA GLY C 74 -25.67 -4.07 -12.39
C GLY C 74 -24.37 -3.37 -12.75
N PHE C 75 -23.42 -4.16 -13.24
CA PHE C 75 -22.06 -3.67 -13.45
C PHE C 75 -22.00 -2.45 -14.34
N LEU C 76 -22.50 -2.56 -15.55
CA LEU C 76 -22.46 -1.43 -16.46
C LEU C 76 -23.38 -0.27 -16.03
N GLY C 77 -24.39 -0.54 -15.20
CA GLY C 77 -25.25 0.52 -14.67
C GLY C 77 -24.61 1.37 -13.58
N GLY C 78 -23.82 0.67 -12.76
CA GLY C 78 -22.99 1.31 -11.74
C GLY C 78 -21.67 1.86 -12.26
N LEU C 79 -21.08 1.21 -13.26
CA LEU C 79 -19.87 1.72 -13.87
C LEU C 79 -20.11 3.06 -14.55
N THR C 80 -21.30 3.21 -15.14
CA THR C 80 -21.65 4.45 -15.84
C THR C 80 -22.63 5.35 -15.07
N THR C 81 -22.58 6.62 -15.48
CA THR C 81 -23.25 7.71 -14.79
C THR C 81 -23.67 8.83 -15.68
N PHE C 82 -24.91 9.25 -15.54
CA PHE C 82 -25.46 10.41 -16.23
C PHE C 82 -25.56 11.54 -15.22
N SER C 83 -26.03 11.21 -14.02
CA SER C 83 -25.99 12.12 -12.87
C SER C 83 -24.66 12.90 -12.76
N THR C 84 -23.59 12.21 -12.35
CA THR C 84 -22.23 12.78 -12.29
C THR C 84 -21.90 13.60 -13.52
N PHE C 85 -22.10 13.00 -14.69
CA PHE C 85 -21.83 13.67 -15.95
C PHE C 85 -22.54 15.02 -16.04
N SER C 86 -23.81 15.02 -15.68
CA SER C 86 -24.68 16.18 -15.78
C SER C 86 -24.17 17.26 -14.84
N ALA C 87 -23.97 16.86 -13.58
CA ALA C 87 -23.43 17.75 -12.58
C ALA C 87 -22.09 18.39 -12.98
N GLU C 88 -21.22 17.63 -13.63
CA GLU C 88 -19.92 18.12 -14.08
C GLU C 88 -20.03 19.09 -15.25
N THR C 89 -21.04 18.88 -16.08
CA THR C 89 -21.24 19.68 -17.27
C THR C 89 -21.77 21.02 -16.83
N VAL C 90 -22.76 20.96 -15.93
CA VAL C 90 -23.41 22.15 -15.39
C VAL C 90 -22.36 22.99 -14.67
N ASP C 91 -21.61 22.35 -13.79
CA ASP C 91 -20.41 22.91 -13.18
C ASP C 91 -19.68 23.76 -14.24
N MET C 92 -19.28 23.16 -15.35
CA MET C 92 -18.58 23.90 -16.40
C MET C 92 -19.39 25.09 -16.85
N LEU C 93 -20.66 24.85 -17.15
CA LEU C 93 -21.51 25.92 -17.63
C LEU C 93 -21.50 27.04 -16.63
N CYS C 94 -21.80 26.70 -15.38
CA CYS C 94 -21.77 27.70 -14.32
C CYS C 94 -20.41 28.47 -14.26
N ARG C 95 -19.29 27.77 -14.44
CA ARG C 95 -17.96 28.44 -14.52
C ARG C 95 -17.84 29.41 -15.70
N GLY C 96 -18.66 29.21 -16.74
CA GLY C 96 -18.72 30.09 -17.90
C GLY C 96 -18.11 29.50 -19.16
N VAL C 97 -17.50 28.33 -19.02
CA VAL C 97 -16.68 27.73 -20.08
C VAL C 97 -17.51 26.87 -21.01
N TYR C 98 -18.28 27.54 -21.85
CA TYR C 98 -19.31 26.87 -22.63
C TYR C 98 -18.72 25.95 -23.67
N ALA C 99 -17.67 26.41 -24.34
CA ALA C 99 -16.86 25.53 -25.16
C ALA C 99 -16.59 24.18 -24.48
N THR C 100 -15.90 24.26 -23.34
CA THR C 100 -15.51 23.07 -22.57
C THR C 100 -16.71 22.19 -22.28
N ALA C 101 -17.79 22.80 -21.79
CA ALA C 101 -19.00 22.07 -21.46
C ALA C 101 -19.51 21.29 -22.69
N ALA C 102 -19.68 22.02 -23.79
CA ALA C 102 -20.09 21.42 -25.06
C ALA C 102 -19.16 20.26 -25.44
N ALA C 103 -17.87 20.55 -25.42
CA ALA C 103 -16.86 19.52 -25.61
C ALA C 103 -17.09 18.28 -24.75
N TYR C 104 -17.11 18.46 -23.44
CA TYR C 104 -17.36 17.34 -22.52
C TYR C 104 -18.68 16.60 -22.81
N ALA C 105 -19.71 17.36 -23.18
CA ALA C 105 -21.02 16.77 -23.49
C ALA C 105 -20.99 16.00 -24.79
N GLY C 106 -20.31 16.57 -25.79
CA GLY C 106 -20.16 15.90 -27.08
C GLY C 106 -19.30 14.65 -26.99
N ALA C 107 -18.16 14.82 -26.33
CA ALA C 107 -17.30 13.69 -26.00
C ALA C 107 -18.12 12.58 -25.36
N SER C 108 -18.77 12.93 -24.25
CA SER C 108 -19.45 11.94 -23.47
C SER C 108 -20.57 11.27 -24.29
N LEU C 109 -21.33 12.08 -25.04
CA LEU C 109 -22.43 11.54 -25.85
C LEU C 109 -21.98 10.80 -27.11
N ALA C 110 -21.35 11.50 -28.05
CA ALA C 110 -20.82 10.88 -29.25
C ALA C 110 -19.88 9.72 -28.91
N GLY C 111 -18.96 9.95 -27.98
CA GLY C 111 -18.08 8.89 -27.50
C GLY C 111 -18.83 7.62 -27.15
N SER C 112 -19.75 7.71 -26.18
CA SER C 112 -20.47 6.52 -25.69
C SER C 112 -21.20 5.82 -26.84
N LEU C 113 -21.86 6.61 -27.69
CA LEU C 113 -22.55 6.04 -28.86
C LEU C 113 -21.61 5.27 -29.79
N ALA C 114 -20.52 5.92 -30.20
CA ALA C 114 -19.43 5.27 -30.91
C ALA C 114 -18.99 3.99 -30.21
N MET C 115 -18.49 4.09 -28.98
CA MET C 115 -18.03 2.91 -28.22
C MET C 115 -19.00 1.74 -28.32
N THR C 116 -20.27 2.01 -28.07
CA THR C 116 -21.31 1.01 -28.19
C THR C 116 -21.38 0.40 -29.58
N GLY C 117 -21.23 1.21 -30.61
CA GLY C 117 -21.12 0.69 -31.95
C GLY C 117 -19.94 -0.23 -32.12
N LEU C 118 -18.77 0.20 -31.69
CA LEU C 118 -17.56 -0.62 -31.82
C LEU C 118 -17.70 -1.88 -30.97
N GLY C 119 -18.37 -1.78 -29.82
CA GLY C 119 -18.64 -2.97 -28.98
C GLY C 119 -19.58 -3.98 -29.64
N LEU C 120 -20.57 -3.48 -30.37
CA LEU C 120 -21.44 -4.34 -31.13
C LEU C 120 -20.65 -4.94 -32.26
N ALA C 121 -19.91 -4.08 -32.95
CA ALA C 121 -19.11 -4.46 -34.10
C ALA C 121 -18.08 -5.53 -33.75
N THR C 122 -17.35 -5.33 -32.66
CA THR C 122 -16.43 -6.32 -32.15
C THR C 122 -17.02 -7.70 -32.01
N VAL C 123 -18.28 -7.79 -31.61
CA VAL C 123 -18.91 -9.09 -31.47
C VAL C 123 -19.36 -9.64 -32.81
N ARG C 124 -19.98 -8.81 -33.64
CA ARG C 124 -20.43 -9.24 -34.98
C ARG C 124 -19.25 -9.71 -35.82
N LEU C 125 -18.15 -8.97 -35.73
CA LEU C 125 -16.87 -9.36 -36.30
C LEU C 125 -16.39 -10.74 -35.82
N LEU C 126 -16.30 -10.94 -34.51
CA LEU C 126 -15.84 -12.21 -33.92
C LEU C 126 -16.94 -13.27 -33.71
N LEU C 127 -17.89 -13.34 -34.65
CA LEU C 127 -18.82 -14.47 -34.76
C LEU C 127 -19.19 -14.68 -36.26
N ARG C 128 -18.28 -14.45 -37.18
CA ARG C 128 -18.67 -14.42 -38.62
C ARG C 128 -19.29 -15.74 -39.12
N ALA D 5 -10.69 3.73 2.70
CA ALA D 5 -11.19 3.07 3.97
C ALA D 5 -12.27 2.04 3.67
N PRO D 6 -12.52 1.13 4.62
CA PRO D 6 -13.48 0.06 4.36
C PRO D 6 -14.92 0.51 4.52
N LEU D 7 -15.16 1.52 5.35
CA LEU D 7 -16.52 2.07 5.48
C LEU D 7 -17.00 2.59 4.14
N ASN D 8 -16.07 3.19 3.39
CA ASN D 8 -16.41 3.85 2.14
C ASN D 8 -16.82 2.89 1.02
N PHE D 9 -16.02 1.83 0.83
CA PHE D 9 -16.42 0.75 -0.08
C PHE D 9 -17.83 0.22 0.21
N ILE D 10 -18.20 0.19 1.49
CA ILE D 10 -19.53 -0.23 1.91
C ILE D 10 -20.60 0.84 1.63
N ALA D 11 -20.31 2.08 2.01
CA ALA D 11 -21.20 3.22 1.75
C ALA D 11 -21.63 3.26 0.28
N ILE D 12 -20.66 3.16 -0.61
CA ILE D 12 -20.90 3.18 -2.04
C ILE D 12 -21.73 1.99 -2.44
N GLY D 13 -21.18 0.79 -2.21
CA GLY D 13 -21.88 -0.47 -2.56
C GLY D 13 -23.37 -0.56 -2.18
N ILE D 14 -23.71 -0.08 -0.97
CA ILE D 14 -25.09 0.01 -0.54
C ILE D 14 -25.91 0.94 -1.45
N GLY D 15 -25.51 2.22 -1.55
CA GLY D 15 -26.19 3.21 -2.39
C GLY D 15 -26.29 2.76 -3.83
N ALA D 16 -25.14 2.34 -4.37
CA ALA D 16 -25.06 1.79 -5.72
C ALA D 16 -26.07 0.67 -5.93
N THR D 17 -26.16 -0.23 -4.97
CA THR D 17 -27.12 -1.32 -5.07
C THR D 17 -28.57 -0.83 -4.98
N LEU D 18 -28.86 0.06 -4.04
CA LEU D 18 -30.20 0.64 -3.97
C LEU D 18 -30.59 1.34 -5.25
N GLY D 19 -29.76 2.25 -5.71
CA GLY D 19 -30.03 2.95 -6.97
C GLY D 19 -30.24 2.01 -8.15
N ALA D 20 -29.34 1.04 -8.29
CA ALA D 20 -29.38 0.07 -9.39
C ALA D 20 -30.68 -0.74 -9.38
N TRP D 21 -31.15 -1.08 -8.18
CA TRP D 21 -32.43 -1.77 -8.01
C TRP D 21 -33.58 -0.89 -8.45
N LEU D 22 -33.64 0.33 -7.93
CA LEU D 22 -34.69 1.29 -8.26
C LEU D 22 -34.79 1.51 -9.78
N ARG D 23 -33.63 1.71 -10.41
CA ARG D 23 -33.51 1.92 -11.85
C ARG D 23 -34.09 0.77 -12.61
N TRP D 24 -33.73 -0.43 -12.17
CA TRP D 24 -34.18 -1.67 -12.80
C TRP D 24 -35.68 -1.88 -12.67
N VAL D 25 -36.19 -1.74 -11.45
CA VAL D 25 -37.64 -1.71 -11.18
C VAL D 25 -38.39 -0.69 -12.06
N LEU D 26 -38.00 0.58 -12.00
CA LEU D 26 -38.46 1.61 -12.94
C LEU D 26 -38.45 1.13 -14.40
N GLY D 27 -37.34 0.51 -14.80
CA GLY D 27 -37.18 -0.04 -16.15
C GLY D 27 -38.11 -1.17 -16.50
N LEU D 28 -38.61 -1.90 -15.51
CA LEU D 28 -39.61 -2.94 -15.75
C LEU D 28 -40.93 -2.20 -15.94
N LYS D 29 -41.34 -1.51 -14.90
CA LYS D 29 -42.60 -0.78 -14.89
C LYS D 29 -42.81 0.23 -16.00
N LEU D 30 -41.77 0.79 -16.61
CA LEU D 30 -42.00 1.89 -17.54
C LEU D 30 -41.35 1.77 -18.91
N ASN D 31 -40.63 0.69 -19.18
CA ASN D 31 -39.64 0.75 -20.26
C ASN D 31 -39.91 -0.14 -21.47
N GLY D 32 -40.18 0.44 -22.63
CA GLY D 32 -40.25 -0.29 -23.90
C GLY D 32 -39.04 0.09 -24.76
N ALA D 33 -38.80 -0.65 -25.84
CA ALA D 33 -37.63 -0.41 -26.72
C ALA D 33 -37.88 0.78 -27.65
N GLY D 34 -39.18 1.00 -27.99
CA GLY D 34 -39.64 2.12 -28.80
C GLY D 34 -39.34 3.49 -28.20
N TRP D 35 -39.59 3.65 -26.89
CA TRP D 35 -39.15 4.86 -26.13
C TRP D 35 -38.98 4.66 -24.62
N PRO D 36 -37.73 4.61 -24.17
CA PRO D 36 -37.41 4.10 -22.84
C PRO D 36 -37.68 5.11 -21.74
N TRP D 37 -38.87 5.05 -21.17
CA TRP D 37 -39.22 5.96 -20.10
C TRP D 37 -38.51 5.66 -18.78
N GLY D 38 -38.55 4.40 -18.37
CA GLY D 38 -37.91 3.96 -17.14
C GLY D 38 -36.48 4.43 -17.03
N THR D 39 -35.78 4.47 -18.17
CA THR D 39 -34.40 4.90 -18.19
C THR D 39 -34.34 6.40 -17.97
N LEU D 40 -34.96 7.14 -18.89
CA LEU D 40 -35.08 8.59 -18.82
C LEU D 40 -35.58 9.12 -17.45
N THR D 41 -36.61 8.45 -16.92
CA THR D 41 -37.09 8.71 -15.55
C THR D 41 -36.00 8.63 -14.50
N ALA D 42 -35.30 7.52 -14.51
CA ALA D 42 -34.18 7.33 -13.62
C ALA D 42 -33.07 8.36 -13.86
N ASN D 43 -32.71 8.57 -15.12
CA ASN D 43 -31.63 9.51 -15.48
C ASN D 43 -31.96 10.96 -15.09
N LEU D 44 -33.26 11.31 -15.17
CA LEU D 44 -33.72 12.69 -14.90
C LEU D 44 -33.92 12.90 -13.42
N VAL D 45 -34.59 11.94 -12.80
CA VAL D 45 -34.74 11.99 -11.38
C VAL D 45 -33.34 12.08 -10.79
N GLY D 46 -32.47 11.18 -11.22
CA GLY D 46 -31.07 11.24 -10.81
C GLY D 46 -30.40 12.59 -11.07
N GLY D 47 -30.60 13.12 -12.28
CA GLY D 47 -30.08 14.45 -12.65
C GLY D 47 -30.55 15.56 -11.71
N TYR D 48 -31.81 15.48 -11.31
CA TYR D 48 -32.36 16.45 -10.38
C TYR D 48 -31.70 16.34 -8.99
N LEU D 49 -31.82 15.15 -8.40
CA LEU D 49 -31.31 14.91 -7.06
C LEU D 49 -29.82 15.20 -6.91
N ILE D 50 -29.04 14.96 -7.97
CA ILE D 50 -27.60 15.29 -7.88
C ILE D 50 -27.35 16.79 -7.85
N GLY D 51 -28.22 17.57 -8.50
CA GLY D 51 -28.19 19.01 -8.36
C GLY D 51 -28.42 19.43 -6.90
N VAL D 52 -29.44 18.82 -6.29
CA VAL D 52 -29.74 19.04 -4.89
C VAL D 52 -28.53 18.66 -4.04
N MET D 53 -28.11 17.41 -4.17
CA MET D 53 -27.04 16.86 -3.38
C MET D 53 -25.77 17.69 -3.42
N VAL D 54 -25.43 18.20 -4.58
CA VAL D 54 -24.21 19.01 -4.75
C VAL D 54 -24.36 20.34 -4.02
N ALA D 55 -25.51 20.98 -4.18
CA ALA D 55 -25.76 22.22 -3.45
C ALA D 55 -25.70 22.01 -1.91
N LEU D 56 -26.19 20.88 -1.41
CA LEU D 56 -26.15 20.59 0.03
C LEU D 56 -24.76 20.27 0.52
N ILE D 57 -23.94 19.63 -0.32
CA ILE D 57 -22.62 19.20 0.11
C ILE D 57 -21.55 20.31 -0.03
N ALA D 58 -21.73 21.27 -0.92
CA ALA D 58 -20.91 22.47 -0.84
C ALA D 58 -21.30 23.25 0.42
N SER D 59 -22.60 23.54 0.60
CA SER D 59 -23.07 24.32 1.76
C SER D 59 -22.79 23.64 3.12
N HIS D 60 -22.52 22.33 3.14
CA HIS D 60 -22.10 21.66 4.37
C HIS D 60 -20.92 20.72 4.10
N PRO D 61 -19.74 21.28 3.82
CA PRO D 61 -18.52 20.54 3.50
C PRO D 61 -17.95 19.82 4.70
N GLU D 62 -18.54 20.11 5.87
CA GLU D 62 -18.18 19.51 7.16
C GLU D 62 -18.64 18.05 7.27
N TRP D 63 -19.75 17.70 6.61
CA TRP D 63 -20.35 16.36 6.72
C TRP D 63 -19.30 15.30 6.44
N PRO D 64 -19.54 14.09 6.94
CA PRO D 64 -18.57 13.01 6.74
C PRO D 64 -18.61 12.37 5.34
N ALA D 65 -17.47 11.79 4.96
CA ALA D 65 -17.27 11.19 3.65
C ALA D 65 -18.40 10.28 3.24
N TRP D 66 -18.70 9.29 4.08
CA TRP D 66 -19.68 8.25 3.73
C TRP D 66 -21.00 8.79 3.12
N ILE D 67 -21.44 9.98 3.51
CA ILE D 67 -22.69 10.54 3.00
C ILE D 67 -22.63 10.84 1.50
N ARG D 68 -21.64 11.61 1.10
CA ARG D 68 -21.51 11.98 -0.29
C ARG D 68 -21.29 10.70 -1.11
N LEU D 69 -20.47 9.80 -0.58
CA LEU D 69 -20.09 8.58 -1.29
C LEU D 69 -21.27 7.65 -1.53
N ALA D 70 -22.16 7.61 -0.55
CA ALA D 70 -23.32 6.74 -0.59
C ALA D 70 -24.45 7.38 -1.37
N ALA D 71 -24.65 8.68 -1.17
CA ALA D 71 -25.73 9.41 -1.85
C ALA D 71 -25.45 9.59 -3.32
N VAL D 72 -24.28 10.17 -3.60
CA VAL D 72 -23.91 10.62 -4.94
C VAL D 72 -23.17 9.52 -5.71
N THR D 73 -22.05 9.08 -5.17
CA THR D 73 -21.21 8.13 -5.87
C THR D 73 -21.88 6.75 -5.96
N GLY D 74 -22.59 6.38 -4.91
CA GLY D 74 -23.33 5.12 -4.89
C GLY D 74 -24.72 5.22 -5.52
N PHE D 75 -25.66 5.77 -4.74
CA PHE D 75 -27.07 5.80 -5.12
C PHE D 75 -27.32 6.46 -6.47
N LEU D 76 -26.92 7.72 -6.62
CA LEU D 76 -27.11 8.40 -7.89
C LEU D 76 -26.23 7.85 -9.04
N GLY D 77 -25.13 7.19 -8.72
CA GLY D 77 -24.29 6.52 -9.74
C GLY D 77 -24.88 5.24 -10.32
N GLY D 78 -25.56 4.50 -9.43
CA GLY D 78 -26.34 3.31 -9.80
C GLY D 78 -27.73 3.62 -10.32
N LEU D 79 -28.37 4.67 -9.79
CA LEU D 79 -29.68 5.07 -10.29
C LEU D 79 -29.61 5.50 -11.74
N THR D 80 -28.51 6.14 -12.11
CA THR D 80 -28.32 6.63 -13.46
C THR D 80 -27.37 5.77 -14.29
N THR D 81 -27.53 5.89 -15.59
CA THR D 81 -26.80 5.06 -16.51
C THR D 81 -26.64 5.76 -17.85
N PHE D 82 -25.42 5.67 -18.37
CA PHE D 82 -25.03 6.17 -19.71
C PHE D 82 -24.93 4.97 -20.65
N SER D 83 -24.32 3.88 -20.16
CA SER D 83 -24.35 2.58 -20.83
C SER D 83 -25.74 2.24 -21.46
N THR D 84 -26.72 1.91 -20.61
CA THR D 84 -28.09 1.63 -21.04
C THR D 84 -28.56 2.65 -22.03
N PHE D 85 -28.40 3.92 -21.67
CA PHE D 85 -28.86 5.02 -22.52
C PHE D 85 -28.29 4.91 -23.92
N SER D 86 -27.00 4.64 -23.96
CA SER D 86 -26.23 4.58 -25.20
C SER D 86 -26.77 3.43 -26.03
N ALA D 87 -26.84 2.26 -25.41
CA ALA D 87 -27.33 1.06 -26.07
C ALA D 87 -28.72 1.25 -26.64
N GLU D 88 -29.58 1.98 -25.93
CA GLU D 88 -30.96 2.27 -26.36
C GLU D 88 -31.06 3.25 -27.52
N THR D 89 -30.12 4.16 -27.56
CA THR D 89 -30.07 5.18 -28.58
C THR D 89 -29.59 4.51 -29.85
N VAL D 90 -28.54 3.70 -29.72
CA VAL D 90 -27.92 2.99 -30.85
C VAL D 90 -28.94 2.05 -31.45
N ASP D 91 -29.58 1.27 -30.58
CA ASP D 91 -30.76 0.50 -30.93
C ASP D 91 -31.63 1.32 -31.88
N MET D 92 -32.08 2.50 -31.47
CA MET D 92 -32.94 3.34 -32.32
C MET D 92 -32.26 3.64 -33.63
N LEU D 93 -31.01 4.07 -33.58
CA LEU D 93 -30.27 4.38 -34.80
C LEU D 93 -30.27 3.18 -35.71
N CYS D 94 -29.83 2.04 -35.17
CA CYS D 94 -29.86 0.80 -35.94
C CYS D 94 -31.26 0.50 -36.56
N ARG D 95 -32.34 0.72 -35.82
CA ARG D 95 -33.70 0.59 -36.36
C ARG D 95 -33.99 1.56 -37.53
N GLY D 96 -33.26 2.67 -37.58
CA GLY D 96 -33.35 3.65 -38.67
C GLY D 96 -34.02 4.94 -38.26
N VAL D 97 -34.54 4.98 -37.04
CA VAL D 97 -35.40 6.06 -36.58
C VAL D 97 -34.60 7.20 -35.97
N TYR D 98 -33.94 7.94 -36.85
CA TYR D 98 -32.94 8.90 -36.41
C TYR D 98 -33.57 10.05 -35.65
N ALA D 99 -34.70 10.54 -36.14
CA ALA D 99 -35.52 11.46 -35.36
C ALA D 99 -35.63 11.03 -33.90
N THR D 100 -36.21 9.85 -33.70
CA THR D 100 -36.44 9.31 -32.36
C THR D 100 -35.16 9.29 -31.57
N ALA D 101 -34.09 8.77 -32.17
CA ALA D 101 -32.81 8.68 -31.50
C ALA D 101 -32.34 10.03 -31.01
N ALA D 102 -32.32 11.00 -31.93
CA ALA D 102 -32.00 12.38 -31.61
C ALA D 102 -32.87 12.90 -30.45
N ALA D 103 -34.18 12.73 -30.61
CA ALA D 103 -35.13 13.04 -29.55
C ALA D 103 -34.75 12.44 -28.18
N TYR D 104 -34.62 11.12 -28.11
CA TYR D 104 -34.21 10.46 -26.87
C TYR D 104 -32.87 10.97 -26.33
N ALA D 105 -31.94 11.29 -27.23
CA ALA D 105 -30.60 11.79 -26.83
C ALA D 105 -30.69 13.22 -26.33
N GLY D 106 -31.49 14.03 -27.01
CA GLY D 106 -31.74 15.40 -26.55
C GLY D 106 -32.51 15.47 -25.25
N ALA D 107 -33.59 14.72 -25.19
CA ALA D 107 -34.32 14.52 -23.95
C ALA D 107 -33.36 14.17 -22.83
N SER D 108 -32.65 13.07 -23.03
CA SER D 108 -31.85 12.56 -21.97
C SER D 108 -30.77 13.59 -21.57
N LEU D 109 -30.16 14.24 -22.56
CA LEU D 109 -29.08 15.20 -22.29
C LEU D 109 -29.61 16.52 -21.72
N ALA D 110 -30.39 17.24 -22.51
CA ALA D 110 -31.00 18.50 -22.07
C ALA D 110 -31.77 18.32 -20.79
N GLY D 111 -32.60 17.28 -20.77
CA GLY D 111 -33.32 16.94 -19.57
C GLY D 111 -32.42 16.91 -18.36
N SER D 112 -31.41 16.02 -18.37
CA SER D 112 -30.57 15.80 -17.17
C SER D 112 -29.92 17.12 -16.76
N LEU D 113 -29.43 17.87 -17.74
CA LEU D 113 -28.80 19.16 -17.45
C LEU D 113 -29.76 20.12 -16.75
N ALA D 114 -30.92 20.31 -17.37
CA ALA D 114 -32.01 21.04 -16.75
C ALA D 114 -32.27 20.55 -15.33
N MET D 115 -32.68 19.30 -15.16
CA MET D 115 -32.96 18.75 -13.83
C MET D 115 -31.92 19.14 -12.80
N THR D 116 -30.65 18.98 -13.14
CA THR D 116 -29.54 19.34 -12.26
C THR D 116 -29.53 20.82 -11.91
N GLY D 117 -29.84 21.66 -12.88
CA GLY D 117 -30.06 23.08 -12.59
C GLY D 117 -31.20 23.34 -11.62
N LEU D 118 -32.35 22.72 -11.86
CA LEU D 118 -33.50 22.87 -10.97
C LEU D 118 -33.21 22.28 -9.60
N GLY D 119 -32.45 21.20 -9.55
CA GLY D 119 -32.01 20.63 -8.28
C GLY D 119 -31.08 21.53 -7.49
N LEU D 120 -30.21 22.25 -8.19
CA LEU D 120 -29.34 23.23 -7.54
C LEU D 120 -30.17 24.39 -7.09
N ALA D 121 -31.03 24.86 -7.99
CA ALA D 121 -31.91 25.98 -7.75
C ALA D 121 -32.83 25.74 -6.56
N THR D 122 -33.48 24.58 -6.52
CA THR D 122 -34.36 24.21 -5.42
C THR D 122 -33.64 24.30 -4.06
N VAL D 123 -32.35 24.03 -4.00
CA VAL D 123 -31.63 24.19 -2.74
C VAL D 123 -31.24 25.64 -2.46
N ARG D 124 -30.74 26.36 -3.46
CA ARG D 124 -30.39 27.78 -3.29
C ARG D 124 -31.61 28.61 -2.88
N LEU D 125 -32.74 28.32 -3.52
CA LEU D 125 -34.05 28.86 -3.15
C LEU D 125 -34.39 28.60 -1.67
N LEU D 126 -34.37 27.32 -1.25
CA LEU D 126 -34.73 26.91 0.12
C LEU D 126 -33.55 26.93 1.09
N LEU D 127 -32.68 27.93 0.95
CA LEU D 127 -31.73 28.31 2.01
C LEU D 127 -31.58 29.85 2.00
N ARG D 128 -32.72 30.52 1.79
CA ARG D 128 -32.88 31.99 1.76
C ARG D 128 -34.36 32.38 2.01
N VAL E 1 43.16 -29.82 9.90
CA VAL E 1 43.11 -31.08 9.09
C VAL E 1 44.34 -32.02 9.35
N SER E 2 44.76 -32.18 10.61
CA SER E 2 45.64 -33.28 11.02
C SER E 2 45.54 -33.52 12.55
N SER E 3 45.21 -34.74 12.98
CA SER E 3 45.58 -35.30 14.31
C SER E 3 46.06 -34.34 15.38
N VAL E 4 45.51 -34.30 16.60
CA VAL E 4 46.35 -33.80 17.75
C VAL E 4 46.15 -34.68 18.98
N PRO E 5 46.15 -34.14 20.20
CA PRO E 5 46.88 -34.75 21.36
C PRO E 5 47.46 -36.18 21.24
N THR E 6 47.94 -36.57 20.03
CA THR E 6 48.70 -37.81 19.77
C THR E 6 48.99 -38.60 21.00
N LYS E 7 48.82 -39.91 20.96
CA LYS E 7 48.93 -40.69 22.23
C LYS E 7 47.82 -40.32 23.22
N LEU E 8 46.61 -40.91 23.16
CA LEU E 8 45.58 -40.67 24.19
C LEU E 8 45.24 -41.99 24.83
N GLU E 9 45.32 -42.05 26.18
CA GLU E 9 45.16 -43.29 26.93
C GLU E 9 44.07 -43.12 27.97
N VAL E 10 43.26 -44.16 28.16
CA VAL E 10 42.16 -44.13 29.09
C VAL E 10 42.21 -45.27 30.08
N VAL E 11 42.45 -44.96 31.34
CA VAL E 11 42.24 -45.95 32.40
C VAL E 11 40.81 -45.76 32.84
N ALA E 12 40.16 -46.85 33.16
CA ALA E 12 38.78 -46.81 33.56
C ALA E 12 38.64 -47.55 34.87
N ALA E 13 39.01 -46.93 35.98
CA ALA E 13 38.67 -47.50 37.30
C ALA E 13 37.28 -47.05 37.58
N THR E 14 36.54 -47.87 38.31
CA THR E 14 35.17 -47.56 38.71
C THR E 14 34.24 -47.49 37.50
N PRO E 15 32.97 -47.85 37.70
CA PRO E 15 31.98 -47.54 36.67
C PRO E 15 31.48 -46.09 36.72
N THR E 16 32.06 -45.25 37.58
CA THR E 16 31.67 -43.85 37.68
C THR E 16 32.80 -42.92 37.23
N SER E 17 33.98 -43.45 36.95
CA SER E 17 35.14 -42.58 36.72
C SER E 17 36.11 -43.07 35.68
N LEU E 18 36.97 -42.16 35.24
CA LEU E 18 37.78 -42.36 34.06
C LEU E 18 39.03 -41.48 34.10
N LEU E 19 40.19 -42.04 33.80
CA LEU E 19 41.44 -41.25 33.81
C LEU E 19 42.07 -41.18 32.43
N ILE E 20 42.06 -39.99 31.85
CA ILE E 20 42.66 -39.80 30.56
C ILE E 20 44.08 -39.27 30.78
N SER E 21 45.00 -39.65 29.92
CA SER E 21 46.29 -38.98 29.83
C SER E 21 46.75 -38.97 28.39
N TRP E 22 47.50 -37.94 28.01
CA TRP E 22 48.04 -37.83 26.65
C TRP E 22 49.48 -37.29 26.71
N ASP E 23 50.14 -37.24 25.56
CA ASP E 23 51.49 -36.65 25.41
C ASP E 23 51.44 -35.80 24.17
N ALA E 24 51.48 -34.48 24.32
CA ALA E 24 51.28 -33.63 23.16
C ALA E 24 52.37 -32.60 23.07
N PRO E 25 53.60 -33.07 22.83
CA PRO E 25 54.67 -32.15 22.48
C PRO E 25 54.39 -31.44 21.15
N ALA E 26 55.22 -30.45 20.82
CA ALA E 26 55.07 -29.56 19.65
C ALA E 26 54.01 -30.14 18.74
N VAL E 27 52.91 -29.43 18.50
CA VAL E 27 52.81 -27.97 18.62
C VAL E 27 52.51 -27.52 20.05
N THR E 28 52.42 -26.21 20.26
CA THR E 28 52.00 -25.67 21.54
C THR E 28 50.51 -25.80 21.66
N VAL E 29 50.05 -26.08 22.86
CA VAL E 29 48.65 -26.02 23.15
C VAL E 29 48.46 -25.04 24.31
N ASP E 30 47.50 -24.15 24.14
CA ASP E 30 47.17 -23.17 25.16
C ASP E 30 46.43 -23.89 26.28
N HIS E 31 45.43 -24.67 25.87
CA HIS E 31 44.65 -25.48 26.79
C HIS E 31 43.91 -26.55 26.03
N TYR E 32 43.52 -27.59 26.77
CA TYR E 32 42.67 -28.63 26.24
C TYR E 32 41.29 -28.45 26.81
N VAL E 33 40.28 -28.79 26.03
CA VAL E 33 38.92 -28.88 26.56
C VAL E 33 38.55 -30.35 26.47
N ILE E 34 38.20 -30.95 27.60
CA ILE E 34 37.75 -32.33 27.64
C ILE E 34 36.23 -32.28 27.62
N THR E 35 35.62 -33.03 26.72
CA THR E 35 34.19 -32.98 26.50
C THR E 35 33.62 -34.37 26.54
N TYR E 36 32.69 -34.62 27.48
CA TYR E 36 32.20 -36.00 27.69
C TYR E 36 30.71 -36.08 27.99
N GLY E 37 30.08 -37.07 27.38
CA GLY E 37 28.65 -37.18 27.46
C GLY E 37 28.21 -38.54 26.96
N GLU E 38 26.94 -38.84 27.19
CA GLU E 38 26.36 -40.07 26.69
C GLU E 38 26.25 -39.92 25.20
N THR E 39 26.91 -40.84 24.49
CA THR E 39 27.12 -40.73 23.04
C THR E 39 25.89 -40.21 22.34
N GLY E 40 25.94 -39.06 21.70
CA GLY E 40 24.76 -38.67 20.93
C GLY E 40 23.83 -37.71 21.67
N ALA E 41 23.34 -38.14 22.83
CA ALA E 41 22.33 -37.38 23.60
C ALA E 41 22.96 -36.09 24.10
N TYR E 42 22.86 -35.07 23.25
CA TYR E 42 23.85 -33.99 23.28
C TYR E 42 23.68 -33.02 24.40
N TRP E 43 22.51 -33.02 25.02
CA TRP E 43 22.33 -32.09 26.10
C TRP E 43 23.05 -32.59 27.35
N SER E 44 23.34 -33.88 27.41
CA SER E 44 24.02 -34.49 28.57
C SER E 44 25.51 -34.14 28.69
N TYR E 45 26.10 -33.67 27.57
CA TYR E 45 27.54 -33.40 27.46
C TYR E 45 27.97 -32.34 28.46
N GLN E 46 29.03 -32.65 29.19
CA GLN E 46 29.69 -31.67 30.00
C GLN E 46 31.14 -31.60 29.54
N GLU E 47 31.94 -30.82 30.25
CA GLU E 47 33.14 -30.29 29.67
C GLU E 47 33.98 -29.67 30.75
N PHE E 48 35.29 -29.75 30.63
CA PHE E 48 36.15 -28.98 31.52
C PHE E 48 37.47 -28.66 30.84
N THR E 49 38.22 -27.73 31.42
CA THR E 49 39.39 -27.22 30.74
C THR E 49 40.65 -27.48 31.54
N VAL E 50 41.67 -27.95 30.84
CA VAL E 50 42.95 -28.27 31.41
C VAL E 50 43.94 -27.43 30.60
N PRO E 51 45.01 -26.89 31.21
CA PRO E 51 45.98 -26.05 30.45
C PRO E 51 47.02 -26.85 29.58
N GLY E 52 48.21 -26.33 29.26
CA GLY E 52 49.30 -27.17 28.73
C GLY E 52 49.94 -28.04 29.83
N SER E 53 49.14 -28.91 30.45
CA SER E 53 49.65 -30.03 31.24
C SER E 53 49.28 -31.27 30.40
N LYS E 54 49.02 -32.44 31.01
CA LYS E 54 48.80 -33.64 30.17
C LYS E 54 48.08 -34.88 30.75
N THR E 55 47.17 -34.67 31.69
CA THR E 55 46.38 -35.74 32.36
C THR E 55 45.12 -35.19 32.99
N ALA E 56 44.02 -35.91 32.86
CA ALA E 56 42.76 -35.44 33.37
C ALA E 56 42.02 -36.57 34.09
N THR E 57 41.01 -36.21 34.84
CA THR E 57 40.20 -37.20 35.54
C THR E 57 38.68 -36.86 35.47
N ILE E 58 37.86 -37.81 35.04
CA ILE E 58 36.42 -37.59 34.93
C ILE E 58 35.73 -38.44 35.99
N SER E 59 34.76 -37.83 36.68
CA SER E 59 33.98 -38.51 37.72
C SER E 59 32.49 -38.35 37.50
N GLY E 60 31.73 -39.06 38.33
CA GLY E 60 30.28 -38.94 38.32
C GLY E 60 29.66 -39.35 37.00
N LEU E 61 30.13 -40.47 36.47
CA LEU E 61 29.52 -41.07 35.30
C LEU E 61 28.46 -42.08 35.72
N LYS E 62 27.47 -42.26 34.84
CA LYS E 62 26.45 -43.26 35.04
C LYS E 62 27.03 -44.57 34.60
N PRO E 63 26.88 -45.61 35.42
CA PRO E 63 27.49 -46.89 35.09
C PRO E 63 26.75 -47.59 33.97
N GLY E 64 27.47 -48.40 33.19
CA GLY E 64 26.90 -49.16 32.09
C GLY E 64 26.25 -48.31 31.02
N VAL E 65 26.83 -47.14 30.77
CA VAL E 65 26.29 -46.21 29.80
C VAL E 65 27.34 -45.87 28.74
N ASP E 66 26.92 -45.70 27.49
CA ASP E 66 27.86 -45.44 26.39
C ASP E 66 28.31 -43.98 26.33
N TYR E 67 29.53 -43.72 26.79
CA TYR E 67 30.08 -42.35 26.86
C TYR E 67 30.99 -42.12 25.68
N THR E 68 31.17 -40.85 25.38
CA THR E 68 32.10 -40.41 24.35
C THR E 68 32.93 -39.27 24.92
N ILE E 69 34.23 -39.50 25.07
CA ILE E 69 35.14 -38.49 25.54
C ILE E 69 35.88 -37.92 24.34
N THR E 70 36.03 -36.61 24.32
CA THR E 70 36.79 -35.94 23.29
C THR E 70 37.79 -35.05 23.96
N VAL E 71 38.98 -34.95 23.38
CA VAL E 71 39.95 -33.96 23.84
C VAL E 71 40.22 -32.98 22.69
N TYR E 72 39.84 -31.72 22.90
CA TYR E 72 40.11 -30.67 21.94
C TYR E 72 41.31 -29.86 22.39
N ALA E 73 42.29 -29.74 21.49
CA ALA E 73 43.55 -29.08 21.78
C ALA E 73 43.60 -27.63 21.22
N TYR E 74 43.23 -26.66 22.03
CA TYR E 74 43.18 -25.27 21.55
C TYR E 74 44.51 -24.56 21.69
N TRP E 75 45.02 -24.04 20.58
CA TRP E 75 46.17 -23.15 20.59
C TRP E 75 45.56 -21.79 20.39
N GLU E 76 45.70 -20.85 21.33
CA GLU E 76 45.03 -19.52 21.27
C GLU E 76 43.50 -19.38 21.04
N HIS E 77 42.73 -19.54 22.11
CA HIS E 77 41.25 -19.40 22.00
C HIS E 77 40.70 -20.03 20.69
N MET E 78 39.40 -19.82 20.43
CA MET E 78 38.58 -20.30 19.26
C MET E 78 39.21 -21.16 18.15
N TYR E 79 40.52 -21.36 18.15
CA TYR E 79 41.17 -22.21 17.19
C TYR E 79 41.77 -23.40 17.93
N HIS E 80 41.58 -24.57 17.34
CA HIS E 80 41.95 -25.83 17.96
C HIS E 80 42.35 -26.79 16.83
N TYR E 81 43.32 -27.66 17.12
CA TYR E 81 43.70 -28.69 16.17
C TYR E 81 42.70 -29.85 16.30
N SER E 82 42.59 -30.61 15.23
CA SER E 82 41.63 -31.69 15.14
C SER E 82 41.67 -32.58 16.39
N PRO E 83 40.48 -32.94 16.90
CA PRO E 83 40.39 -33.64 18.17
C PRO E 83 40.62 -35.16 18.08
N ILE E 84 40.72 -35.78 19.26
CA ILE E 84 40.73 -37.24 19.42
C ILE E 84 39.58 -37.59 20.32
N SER E 85 38.84 -38.62 19.93
CA SER E 85 37.72 -39.09 20.73
C SER E 85 37.88 -40.54 21.12
N ILE E 86 37.19 -40.93 22.19
CA ILE E 86 37.13 -42.30 22.64
C ILE E 86 35.70 -42.64 23.03
N ASN E 87 35.22 -43.77 22.53
CA ASN E 87 33.93 -44.30 22.94
C ASN E 87 34.12 -45.47 23.85
N TYR E 88 33.39 -45.47 24.93
CA TYR E 88 33.50 -46.58 25.84
C TYR E 88 32.30 -46.60 26.74
N ARG E 89 32.01 -47.80 27.20
CA ARG E 89 30.90 -48.03 28.11
C ARG E 89 31.43 -48.16 29.53
N THR E 90 30.69 -47.65 30.49
CA THR E 90 31.18 -47.52 31.85
C THR E 90 30.97 -48.80 32.63
N SER F 3 8.15 16.14 25.75
CA SER F 3 7.13 16.97 25.07
C SER F 3 7.62 17.28 23.67
N VAL F 4 7.49 16.34 22.72
CA VAL F 4 7.74 16.66 21.27
C VAL F 4 6.45 16.34 20.58
N PRO F 5 6.47 15.84 19.33
CA PRO F 5 5.55 16.36 18.28
C PRO F 5 4.34 17.23 18.74
N THR F 6 4.43 17.87 19.92
CA THR F 6 3.41 18.71 20.62
C THR F 6 1.97 18.52 20.17
N LYS F 7 1.01 18.84 21.04
CA LYS F 7 -0.39 18.93 20.61
C LYS F 7 -0.90 17.55 20.13
N LEU F 8 -0.84 17.30 18.81
CA LEU F 8 -1.17 15.99 18.21
C LEU F 8 -2.62 15.56 18.32
N GLU F 9 -3.28 15.31 17.19
CA GLU F 9 -4.70 14.97 17.28
C GLU F 9 -5.19 14.11 16.16
N VAL F 10 -6.42 13.73 16.37
CA VAL F 10 -7.06 12.71 15.57
C VAL F 10 -8.20 13.35 14.79
N VAL F 11 -8.16 13.23 13.47
CA VAL F 11 -9.16 13.84 12.55
C VAL F 11 -10.06 12.87 11.71
N ALA F 12 -9.93 11.55 11.86
CA ALA F 12 -10.65 10.62 10.98
C ALA F 12 -11.62 9.53 11.55
N ALA F 13 -12.45 9.01 10.67
CA ALA F 13 -13.52 8.10 11.02
C ALA F 13 -13.25 6.72 10.32
N THR F 14 -14.31 6.13 9.78
CA THR F 14 -14.42 4.68 9.76
C THR F 14 -14.20 4.23 11.17
N PRO F 15 -14.86 3.15 11.52
CA PRO F 15 -14.48 2.55 12.79
C PRO F 15 -13.26 1.61 12.69
N THR F 16 -12.61 1.56 11.54
CA THR F 16 -11.43 0.73 11.37
C THR F 16 -10.18 1.56 11.11
N SER F 17 -10.33 2.88 11.03
CA SER F 17 -9.19 3.69 10.64
C SER F 17 -9.18 5.03 11.31
N LEU F 18 -8.04 5.68 11.23
CA LEU F 18 -7.81 6.87 12.03
C LEU F 18 -6.74 7.72 11.44
N LEU F 19 -6.90 9.03 11.56
CA LEU F 19 -5.95 9.92 10.96
C LEU F 19 -5.30 10.86 12.00
N ILE F 20 -4.03 10.65 12.28
CA ILE F 20 -3.33 11.49 13.21
C ILE F 20 -2.69 12.58 12.40
N SER F 21 -2.57 13.76 13.00
CA SER F 21 -1.73 14.81 12.43
C SER F 21 -1.11 15.62 13.57
N TRP F 22 0.09 16.16 13.32
CA TRP F 22 0.80 16.98 14.30
C TRP F 22 1.47 18.14 13.56
N ASP F 23 2.08 19.06 14.31
CA ASP F 23 2.86 20.19 13.75
C ASP F 23 4.16 20.21 14.52
N ALA F 24 5.28 19.82 13.92
CA ALA F 24 6.52 19.68 14.72
C ALA F 24 7.65 20.41 14.10
N PRO F 25 7.50 21.73 14.00
CA PRO F 25 8.65 22.58 13.63
C PRO F 25 9.73 22.53 14.72
N ALA F 26 10.83 23.28 14.54
CA ALA F 26 12.01 23.22 15.42
C ALA F 26 11.58 22.45 16.66
N VAL F 27 12.11 21.24 16.88
CA VAL F 27 13.42 20.81 16.38
C VAL F 27 13.33 20.14 14.97
N THR F 28 14.20 19.16 14.70
CA THR F 28 14.33 18.47 13.42
C THR F 28 14.06 17.07 13.80
N VAL F 29 13.30 16.38 12.97
CA VAL F 29 13.01 14.99 13.19
C VAL F 29 13.43 14.18 11.94
N ASP F 30 14.13 13.07 12.16
CA ASP F 30 14.57 12.18 11.10
C ASP F 30 13.37 11.38 10.61
N HIS F 31 12.66 10.82 11.58
CA HIS F 31 11.42 10.11 11.33
C HIS F 31 10.62 9.97 12.62
N TYR F 32 9.34 9.70 12.46
CA TYR F 32 8.48 9.38 13.57
C TYR F 32 8.16 7.92 13.54
N VAL F 33 7.98 7.33 14.72
CA VAL F 33 7.46 5.99 14.79
C VAL F 33 6.10 6.11 15.45
N ILE F 34 5.07 5.63 14.76
CA ILE F 34 3.73 5.59 15.33
C ILE F 34 3.45 4.20 15.89
N THR F 35 2.99 4.13 17.14
CA THR F 35 2.88 2.89 17.85
C THR F 35 1.47 2.83 18.41
N TYR F 36 0.70 1.81 18.03
CA TYR F 36 -0.71 1.72 18.45
C TYR F 36 -1.17 0.31 18.84
N GLY F 37 -2.01 0.22 19.87
CA GLY F 37 -2.54 -1.05 20.31
C GLY F 37 -3.72 -0.87 21.23
N GLU F 38 -4.39 -1.96 21.56
CA GLU F 38 -5.52 -1.92 22.48
C GLU F 38 -4.99 -1.67 23.86
N THR F 39 -5.49 -0.59 24.48
CA THR F 39 -4.87 -0.04 25.68
C THR F 39 -4.38 -1.14 26.62
N GLY F 40 -5.29 -2.03 27.01
CA GLY F 40 -4.92 -3.22 27.80
C GLY F 40 -3.77 -4.07 27.26
N ALA F 41 -4.07 -5.03 26.39
CA ALA F 41 -3.10 -6.11 26.04
C ALA F 41 -1.88 -5.67 25.24
N TYR F 42 -0.70 -5.72 25.88
CA TYR F 42 0.52 -5.20 25.27
C TYR F 42 1.04 -6.01 24.10
N TRP F 43 0.58 -7.24 23.95
CA TRP F 43 1.04 -8.04 22.84
C TRP F 43 0.35 -7.58 21.55
N SER F 44 -0.77 -6.87 21.67
CA SER F 44 -1.52 -6.37 20.48
C SER F 44 -0.87 -5.19 19.72
N TYR F 45 0.07 -4.49 20.38
CA TYR F 45 0.67 -3.26 19.83
C TYR F 45 1.44 -3.45 18.51
N GLN F 46 1.16 -2.60 17.54
CA GLN F 46 1.88 -2.56 16.26
C GLN F 46 2.39 -1.17 16.05
N GLU F 47 2.97 -0.92 14.87
CA GLU F 47 3.90 0.19 14.71
C GLU F 47 4.19 0.46 13.24
N PHE F 48 4.41 1.70 12.87
CA PHE F 48 4.95 2.01 11.53
C PHE F 48 5.73 3.34 11.51
N THR F 49 6.47 3.58 10.42
CA THR F 49 7.39 4.70 10.42
C THR F 49 7.04 5.72 9.35
N VAL F 50 7.08 6.98 9.73
CA VAL F 50 6.78 8.10 8.86
C VAL F 50 8.01 9.01 8.92
N PRO F 51 8.40 9.68 7.80
CA PRO F 51 9.63 10.52 7.84
C PRO F 51 9.43 11.95 8.47
N GLY F 52 10.23 12.96 8.14
CA GLY F 52 9.87 14.36 8.45
C GLY F 52 8.75 14.87 7.55
N SER F 53 7.57 14.26 7.63
CA SER F 53 6.31 14.83 7.13
C SER F 53 5.52 15.12 8.40
N LYS F 54 4.19 15.05 8.40
CA LYS F 54 3.43 15.48 9.61
C LYS F 54 2.00 14.97 9.83
N THR F 55 1.69 13.81 9.27
CA THR F 55 0.36 13.27 9.27
C THR F 55 0.48 11.81 9.00
N ALA F 56 -0.31 11.03 9.73
CA ALA F 56 -0.29 9.59 9.53
C ALA F 56 -1.69 9.02 9.45
N THR F 57 -1.76 7.77 8.98
CA THR F 57 -3.02 7.09 8.87
C THR F 57 -2.91 5.64 9.39
N ILE F 58 -3.79 5.29 10.33
CA ILE F 58 -3.83 3.94 10.89
C ILE F 58 -5.08 3.19 10.40
N SER F 59 -4.88 1.93 10.01
CA SER F 59 -5.95 1.11 9.46
C SER F 59 -6.07 -0.22 10.21
N GLY F 60 -7.14 -0.95 9.87
CA GLY F 60 -7.35 -2.30 10.38
C GLY F 60 -7.48 -2.33 11.87
N LEU F 61 -8.25 -1.38 12.39
CA LEU F 61 -8.59 -1.37 13.79
C LEU F 61 -9.90 -2.09 14.03
N LYS F 62 -10.03 -2.61 15.25
CA LYS F 62 -11.26 -3.22 15.67
C LYS F 62 -12.14 -2.08 16.04
N PRO F 63 -13.38 -2.07 15.53
CA PRO F 63 -14.34 -1.02 15.91
C PRO F 63 -14.80 -1.04 17.38
N GLY F 64 -15.06 0.15 17.91
CA GLY F 64 -15.47 0.32 19.32
C GLY F 64 -14.51 -0.20 20.38
N VAL F 65 -13.22 -0.07 20.13
CA VAL F 65 -12.19 -0.62 21.01
C VAL F 65 -11.26 0.48 21.45
N ASP F 66 -10.81 0.42 22.70
CA ASP F 66 -9.95 1.47 23.26
C ASP F 66 -8.51 1.31 22.86
N TYR F 67 -8.10 2.16 21.91
CA TYR F 67 -6.74 2.16 21.36
C TYR F 67 -5.89 3.25 22.00
N THR F 68 -4.58 3.06 21.98
CA THR F 68 -3.62 3.99 22.55
C THR F 68 -2.55 4.19 21.51
N ILE F 69 -2.50 5.40 20.97
CA ILE F 69 -1.54 5.76 19.94
C ILE F 69 -0.43 6.58 20.56
N THR F 70 0.80 6.29 20.18
CA THR F 70 1.96 7.06 20.61
C THR F 70 2.72 7.48 19.39
N VAL F 71 3.26 8.68 19.43
CA VAL F 71 4.14 9.14 18.36
C VAL F 71 5.51 9.41 18.96
N TYR F 72 6.50 8.66 18.52
CA TYR F 72 7.90 8.85 18.94
C TYR F 72 8.65 9.59 17.85
N ALA F 73 9.28 10.71 18.24
CA ALA F 73 9.97 11.59 17.29
C ALA F 73 11.48 11.37 17.30
N TYR F 74 11.98 10.53 16.41
CA TYR F 74 13.41 10.22 16.40
C TYR F 74 14.22 11.19 15.56
N TRP F 75 15.21 11.81 16.18
CA TRP F 75 16.17 12.63 15.45
C TRP F 75 17.42 11.94 14.96
N GLU F 76 17.70 10.71 15.36
CA GLU F 76 18.90 10.08 14.82
C GLU F 76 18.95 8.60 15.16
N HIS F 77 18.37 7.80 14.31
CA HIS F 77 18.25 6.39 14.66
C HIS F 77 17.84 6.22 16.13
N MET F 78 18.74 5.88 17.06
CA MET F 78 18.33 5.38 18.40
C MET F 78 17.97 6.46 19.40
N TYR F 79 17.94 7.73 18.99
CA TYR F 79 17.64 8.82 19.92
C TYR F 79 16.37 9.50 19.46
N HIS F 80 15.52 9.80 20.41
CA HIS F 80 14.17 10.30 20.16
C HIS F 80 13.82 11.25 21.29
N TYR F 81 13.06 12.28 20.97
CA TYR F 81 12.55 13.18 21.99
C TYR F 81 11.30 12.56 22.59
N SER F 82 11.01 12.98 23.82
CA SER F 82 9.91 12.41 24.56
C SER F 82 8.64 12.34 23.75
N PRO F 83 7.91 11.24 23.89
CA PRO F 83 6.76 11.02 23.04
C PRO F 83 5.47 11.70 23.52
N ILE F 84 4.46 11.63 22.67
CA ILE F 84 3.10 12.03 22.99
C ILE F 84 2.19 10.83 22.74
N SER F 85 1.24 10.58 23.64
CA SER F 85 0.23 9.55 23.47
C SER F 85 -1.22 10.08 23.48
N ILE F 86 -2.12 9.31 22.87
CA ILE F 86 -3.53 9.62 22.86
C ILE F 86 -4.33 8.35 23.08
N ASN F 87 -5.37 8.42 23.91
CA ASN F 87 -6.29 7.31 24.03
C ASN F 87 -7.53 7.65 23.25
N TYR F 88 -7.93 6.75 22.36
CA TYR F 88 -8.99 6.98 21.38
C TYR F 88 -9.78 5.69 21.16
N ARG F 89 -11.12 5.78 21.14
CA ARG F 89 -12.00 4.62 20.90
C ARG F 89 -12.50 4.71 19.47
N THR F 90 -12.53 3.61 18.74
CA THR F 90 -12.72 3.68 17.29
C THR F 90 -14.15 3.92 16.86
N SER G 3 -17.05 32.86 0.18
CA SER G 3 -15.82 33.59 0.57
C SER G 3 -14.71 32.59 0.81
N VAL G 4 -14.03 32.09 -0.25
CA VAL G 4 -12.79 31.21 -0.05
C VAL G 4 -11.33 31.50 -0.35
N PRO G 5 -10.90 31.52 -1.60
CA PRO G 5 -9.46 31.83 -1.50
C PRO G 5 -9.17 33.25 -0.95
N THR G 6 -10.06 33.76 -0.09
CA THR G 6 -9.93 35.07 0.59
C THR G 6 -8.62 35.75 0.30
N LYS G 7 -8.67 37.05 0.03
CA LYS G 7 -7.45 37.81 -0.27
C LYS G 7 -6.84 37.29 -1.56
N LEU G 8 -7.24 38.01 -2.60
CA LEU G 8 -6.91 37.65 -3.96
C LEU G 8 -6.42 38.88 -4.75
N GLU G 9 -5.17 38.83 -5.17
CA GLU G 9 -4.41 40.00 -5.58
C GLU G 9 -3.94 39.79 -6.98
N VAL G 10 -3.86 40.87 -7.75
CA VAL G 10 -3.45 40.79 -9.13
C VAL G 10 -2.28 41.69 -9.42
N VAL G 11 -1.12 41.10 -9.69
CA VAL G 11 0.02 41.81 -10.30
C VAL G 11 -0.13 41.71 -11.82
N ALA G 12 0.21 42.78 -12.53
CA ALA G 12 -0.05 42.84 -13.95
C ALA G 12 1.24 43.02 -14.76
N ALA G 13 1.18 43.69 -15.90
CA ALA G 13 2.29 43.85 -16.83
C ALA G 13 2.92 42.51 -17.15
N THR G 14 2.88 42.07 -18.40
CA THR G 14 2.63 42.92 -19.63
C THR G 14 1.14 43.38 -19.81
N PRO G 15 0.79 43.93 -20.99
CA PRO G 15 -0.66 44.03 -21.29
C PRO G 15 -1.28 42.73 -21.84
N THR G 16 -0.52 41.64 -21.85
CA THR G 16 -0.99 40.35 -22.32
C THR G 16 -1.05 39.35 -21.19
N SER G 17 -0.57 39.72 -20.00
CA SER G 17 -0.42 38.73 -18.94
C SER G 17 -0.68 39.30 -17.55
N LEU G 18 -0.87 38.40 -16.60
CA LEU G 18 -1.37 38.78 -15.30
C LEU G 18 -1.01 37.74 -14.28
N LEU G 19 -0.59 38.16 -13.07
CA LEU G 19 -0.25 37.24 -11.98
C LEU G 19 -1.24 37.35 -10.83
N ILE G 20 -2.03 36.31 -10.63
CA ILE G 20 -2.90 36.28 -9.50
C ILE G 20 -2.15 35.61 -8.38
N SER G 21 -2.41 36.03 -7.14
CA SER G 21 -1.95 35.26 -5.99
C SER G 21 -2.97 35.38 -4.88
N TRP G 22 -3.06 34.35 -4.04
CA TRP G 22 -4.00 34.35 -2.91
C TRP G 22 -3.31 33.68 -1.72
N ASP G 23 -3.99 33.67 -0.57
CA ASP G 23 -3.52 32.94 0.63
C ASP G 23 -4.69 32.16 1.15
N ALA G 24 -4.67 30.83 1.03
CA ALA G 24 -5.88 30.06 1.39
C ALA G 24 -5.55 28.93 2.30
N PRO G 25 -5.05 29.27 3.49
CA PRO G 25 -4.93 28.26 4.54
C PRO G 25 -6.29 27.69 4.95
N ALA G 26 -6.26 26.62 5.77
CA ALA G 26 -7.44 25.85 6.23
C ALA G 26 -8.68 26.62 5.84
N VAL G 27 -9.56 26.06 5.00
CA VAL G 27 -9.69 24.62 4.76
C VAL G 27 -8.67 24.10 3.74
N THR G 28 -8.71 22.78 3.48
CA THR G 28 -7.92 22.18 2.42
C THR G 28 -8.56 22.45 1.10
N VAL G 29 -7.72 22.66 0.10
CA VAL G 29 -8.20 22.74 -1.27
C VAL G 29 -7.44 21.68 -2.06
N ASP G 30 -8.17 20.93 -2.86
CA ASP G 30 -7.62 19.90 -3.72
C ASP G 30 -6.95 20.58 -4.91
N HIS G 31 -7.70 21.49 -5.51
CA HIS G 31 -7.18 22.31 -6.59
C HIS G 31 -8.04 23.54 -6.78
N TYR G 32 -7.47 24.55 -7.45
CA TYR G 32 -8.22 25.73 -7.86
C TYR G 32 -8.45 25.69 -9.35
N VAL G 33 -9.57 26.23 -9.80
CA VAL G 33 -9.80 26.39 -11.20
C VAL G 33 -9.86 27.89 -11.42
N ILE G 34 -8.99 28.40 -12.28
CA ILE G 34 -8.98 29.82 -12.62
C ILE G 34 -9.74 30.00 -13.93
N THR G 35 -10.68 30.94 -13.92
CA THR G 35 -11.58 31.09 -15.04
C THR G 35 -11.58 32.55 -15.46
N TYR G 36 -11.22 32.84 -16.70
CA TYR G 36 -11.06 34.25 -17.14
C TYR G 36 -11.59 34.51 -18.54
N GLY G 37 -12.20 35.67 -18.72
CA GLY G 37 -12.74 36.05 -20.02
C GLY G 37 -13.08 37.53 -20.07
N GLU G 38 -13.41 38.02 -21.26
CA GLU G 38 -13.81 39.41 -21.43
C GLU G 38 -15.16 39.58 -20.82
N THR G 39 -15.26 40.49 -19.86
CA THR G 39 -16.42 40.58 -18.98
C THR G 39 -17.74 40.30 -19.73
N GLY G 40 -18.01 41.07 -20.79
CA GLY G 40 -19.15 40.83 -21.66
C GLY G 40 -19.29 39.40 -22.20
N ALA G 41 -18.64 39.10 -23.33
CA ALA G 41 -18.95 37.89 -24.12
C ALA G 41 -18.56 36.55 -23.48
N TYR G 42 -19.55 35.75 -23.10
CA TYR G 42 -19.30 34.53 -22.34
C TYR G 42 -18.63 33.43 -23.14
N TRP G 43 -18.65 33.54 -24.46
CA TRP G 43 -18.01 32.50 -25.25
C TRP G 43 -16.50 32.65 -25.20
N SER G 44 -16.01 33.85 -24.83
CA SER G 44 -14.57 34.12 -24.73
C SER G 44 -13.85 33.50 -23.51
N TYR G 45 -14.61 33.13 -22.48
CA TYR G 45 -14.05 32.58 -21.23
C TYR G 45 -13.21 31.29 -21.40
N GLN G 46 -12.01 31.29 -20.82
CA GLN G 46 -11.16 30.10 -20.75
C GLN G 46 -10.82 29.84 -19.28
N GLU G 47 -9.93 28.90 -19.03
CA GLU G 47 -9.85 28.25 -17.74
C GLU G 47 -8.60 27.38 -17.60
N PHE G 48 -8.04 27.27 -16.40
CA PHE G 48 -6.98 26.29 -16.14
C PHE G 48 -6.91 25.89 -14.68
N THR G 49 -6.17 24.83 -14.37
CA THR G 49 -6.23 24.27 -13.04
C THR G 49 -4.88 24.30 -12.35
N VAL G 50 -4.91 24.71 -11.09
CA VAL G 50 -3.73 24.84 -10.26
C VAL G 50 -4.03 24.00 -9.02
N PRO G 51 -3.02 23.31 -8.44
CA PRO G 51 -3.31 22.44 -7.26
C PRO G 51 -3.43 23.21 -5.87
N GLY G 52 -3.17 22.58 -4.72
CA GLY G 52 -2.94 23.33 -3.47
C GLY G 52 -1.58 24.04 -3.43
N SER G 53 -1.35 24.97 -4.37
CA SER G 53 -0.27 25.96 -4.29
C SER G 53 -1.03 27.27 -4.10
N LYS G 54 -0.53 28.42 -4.57
CA LYS G 54 -1.20 29.69 -4.22
C LYS G 54 -0.96 30.93 -5.09
N THR G 55 -0.63 30.70 -6.36
CA THR G 55 -0.27 31.75 -7.30
C THR G 55 -0.44 31.22 -8.70
N ALA G 56 -1.00 32.06 -9.57
CA ALA G 56 -1.23 31.65 -10.94
C ALA G 56 -0.79 32.72 -11.90
N THR G 57 -0.68 32.33 -13.17
CA THR G 57 -0.27 33.25 -14.20
C THR G 57 -1.12 33.10 -15.46
N ILE G 58 -1.72 34.19 -15.90
CA ILE G 58 -2.55 34.18 -17.09
C ILE G 58 -1.85 34.88 -18.23
N SER G 59 -1.89 34.29 -19.43
CA SER G 59 -1.22 34.84 -20.62
C SER G 59 -2.16 34.97 -21.80
N GLY G 60 -1.65 35.61 -22.84
CA GLY G 60 -2.38 35.73 -24.09
C GLY G 60 -3.67 36.49 -23.94
N LEU G 61 -3.62 37.60 -23.20
CA LEU G 61 -4.74 38.49 -23.09
C LEU G 61 -4.66 39.58 -24.14
N LYS G 62 -5.82 40.10 -24.50
CA LYS G 62 -5.92 41.24 -25.38
C LYS G 62 -5.65 42.45 -24.52
N PRO G 63 -4.78 43.36 -24.98
CA PRO G 63 -4.45 44.54 -24.19
C PRO G 63 -5.60 45.55 -24.12
N GLY G 64 -5.67 46.26 -22.99
CA GLY G 64 -6.72 47.28 -22.76
C GLY G 64 -8.15 46.77 -22.82
N VAL G 65 -8.37 45.55 -22.35
CA VAL G 65 -9.68 44.92 -22.45
C VAL G 65 -10.15 44.53 -21.06
N ASP G 66 -11.45 44.66 -20.80
CA ASP G 66 -12.00 44.38 -19.46
C ASP G 66 -12.23 42.89 -19.23
N TYR G 67 -11.32 42.31 -18.45
CA TYR G 67 -11.33 40.89 -18.13
C TYR G 67 -11.98 40.67 -16.77
N THR G 68 -12.50 39.45 -16.56
CA THR G 68 -13.08 39.05 -15.28
C THR G 68 -12.49 37.71 -14.91
N ILE G 69 -11.70 37.71 -13.84
CA ILE G 69 -11.03 36.50 -13.36
C ILE G 69 -11.79 35.96 -12.17
N THR G 70 -11.98 34.65 -12.12
CA THR G 70 -12.60 33.99 -11.00
C THR G 70 -11.68 32.87 -10.55
N VAL G 71 -11.61 32.65 -9.25
CA VAL G 71 -10.88 31.51 -8.70
C VAL G 71 -11.86 30.65 -7.96
N TYR G 72 -12.07 29.44 -8.44
CA TYR G 72 -12.90 28.46 -7.77
C TYR G 72 -12.01 27.48 -6.99
N ALA G 73 -12.29 27.34 -5.70
CA ALA G 73 -11.50 26.50 -4.80
C ALA G 73 -12.13 25.13 -4.53
N TYR G 74 -11.74 24.12 -5.30
CA TYR G 74 -12.38 22.79 -5.17
C TYR G 74 -11.71 21.94 -4.12
N TRP G 75 -12.46 21.49 -3.13
CA TRP G 75 -12.00 20.48 -2.17
C TRP G 75 -12.67 19.23 -2.67
N GLU G 76 -11.93 18.22 -3.07
CA GLU G 76 -12.55 17.07 -3.77
C GLU G 76 -13.28 17.43 -5.08
N HIS G 77 -12.98 16.66 -6.14
CA HIS G 77 -13.62 16.81 -7.42
C HIS G 77 -15.10 17.13 -7.27
N MET G 78 -15.55 18.23 -7.87
CA MET G 78 -17.00 18.50 -8.07
C MET G 78 -17.69 19.36 -6.98
N TYR G 79 -17.05 19.44 -5.82
CA TYR G 79 -17.50 20.32 -4.75
C TYR G 79 -16.43 21.39 -4.57
N HIS G 80 -16.89 22.62 -4.40
CA HIS G 80 -16.01 23.79 -4.36
C HIS G 80 -16.63 24.82 -3.41
N TYR G 81 -15.78 25.56 -2.71
CA TYR G 81 -16.26 26.64 -1.84
C TYR G 81 -16.48 27.89 -2.70
N SER G 82 -17.35 28.77 -2.21
CA SER G 82 -17.78 29.96 -2.96
C SER G 82 -16.59 30.72 -3.52
N PRO G 83 -16.71 31.18 -4.77
CA PRO G 83 -15.55 31.72 -5.46
C PRO G 83 -15.29 33.18 -5.14
N ILE G 84 -14.16 33.68 -5.63
CA ILE G 84 -13.81 35.10 -5.62
C ILE G 84 -13.57 35.52 -7.05
N SER G 85 -14.08 36.69 -7.43
CA SER G 85 -13.83 37.27 -8.74
C SER G 85 -13.17 38.65 -8.69
N ILE G 86 -12.50 39.00 -9.78
CA ILE G 86 -11.87 40.30 -9.94
C ILE G 86 -12.12 40.83 -11.33
N ASN G 87 -12.47 42.09 -11.44
CA ASN G 87 -12.53 42.73 -12.73
C ASN G 87 -11.30 43.57 -12.90
N TYR G 88 -10.61 43.37 -14.01
CA TYR G 88 -9.27 43.92 -14.26
C TYR G 88 -9.17 44.26 -15.74
N ARG G 89 -8.62 45.44 -16.08
CA ARG G 89 -8.35 45.84 -17.46
C ARG G 89 -6.85 45.68 -17.73
N THR G 90 -6.46 45.15 -18.88
CA THR G 90 -5.07 44.69 -19.07
C THR G 90 -4.09 45.82 -19.34
N VAL H 1 -29.62 -19.08 -33.79
CA VAL H 1 -30.76 -19.14 -32.83
C VAL H 1 -31.83 -18.12 -33.32
N SER H 2 -31.93 -17.88 -34.66
CA SER H 2 -32.40 -16.57 -35.25
C SER H 2 -33.50 -16.53 -36.40
N SER H 3 -34.61 -15.78 -36.15
CA SER H 3 -35.40 -14.90 -37.12
C SER H 3 -36.93 -14.80 -36.91
N VAL H 4 -37.38 -14.01 -35.93
CA VAL H 4 -38.82 -13.97 -35.51
C VAL H 4 -39.45 -12.64 -36.02
N PRO H 5 -40.61 -12.70 -36.72
CA PRO H 5 -41.60 -13.77 -36.61
C PRO H 5 -41.83 -14.62 -37.85
N THR H 6 -41.53 -15.94 -37.86
CA THR H 6 -42.23 -16.92 -38.73
C THR H 6 -43.59 -16.46 -39.18
N LYS H 7 -43.90 -16.63 -40.46
CA LYS H 7 -45.21 -16.20 -41.01
C LYS H 7 -45.48 -14.71 -40.83
N LEU H 8 -44.98 -13.88 -41.73
CA LEU H 8 -45.45 -12.53 -41.84
C LEU H 8 -46.35 -12.45 -43.07
N GLU H 9 -47.33 -11.57 -43.04
CA GLU H 9 -48.13 -11.30 -44.20
C GLU H 9 -48.50 -9.84 -44.29
N VAL H 10 -48.55 -9.33 -45.52
CA VAL H 10 -48.88 -7.96 -45.74
C VAL H 10 -50.06 -7.83 -46.68
N VAL H 11 -51.20 -7.36 -46.17
CA VAL H 11 -52.29 -6.92 -47.04
C VAL H 11 -52.05 -5.45 -47.30
N ALA H 12 -52.34 -5.02 -48.51
CA ALA H 12 -52.10 -3.67 -48.88
C ALA H 12 -53.41 -3.12 -49.45
N ALA H 13 -54.37 -2.77 -48.58
CA ALA H 13 -55.54 -1.99 -49.03
C ALA H 13 -55.09 -0.55 -49.10
N THR H 14 -55.61 0.19 -50.06
CA THR H 14 -55.29 1.60 -50.23
C THR H 14 -53.86 1.83 -50.63
N PRO H 15 -53.60 2.90 -51.38
CA PRO H 15 -52.22 3.36 -51.52
C PRO H 15 -51.67 4.19 -50.32
N THR H 16 -52.44 4.31 -49.23
CA THR H 16 -52.02 5.03 -48.06
C THR H 16 -51.85 4.13 -46.87
N SER H 17 -52.22 2.86 -47.01
CA SER H 17 -52.26 1.98 -45.82
C SER H 17 -51.86 0.55 -46.09
N LEU H 18 -51.57 -0.16 -45.00
CA LEU H 18 -50.91 -1.45 -45.06
C LEU H 18 -51.21 -2.26 -43.80
N LEU H 19 -51.58 -3.52 -43.98
CA LEU H 19 -51.94 -4.34 -42.82
C LEU H 19 -50.99 -5.49 -42.70
N ILE H 20 -50.18 -5.46 -41.66
CA ILE H 20 -49.31 -6.56 -41.41
C ILE H 20 -50.00 -7.52 -40.41
N SER H 21 -49.76 -8.81 -40.55
CA SER H 21 -50.08 -9.76 -39.48
C SER H 21 -49.06 -10.88 -39.45
N TRP H 22 -48.84 -11.47 -38.28
CA TRP H 22 -47.88 -12.57 -38.11
C TRP H 22 -48.44 -13.61 -37.11
N ASP H 23 -47.69 -14.71 -36.92
CA ASP H 23 -47.99 -15.73 -35.89
C ASP H 23 -46.68 -16.06 -35.18
N ALA H 24 -46.53 -15.68 -33.93
CA ALA H 24 -45.20 -15.84 -33.29
C ALA H 24 -45.31 -16.48 -31.95
N PRO H 25 -45.80 -17.71 -31.93
CA PRO H 25 -45.71 -18.53 -30.72
C PRO H 25 -44.26 -18.83 -30.32
N ALA H 26 -44.08 -19.43 -29.13
CA ALA H 26 -42.78 -19.73 -28.49
C ALA H 26 -41.66 -19.54 -29.51
N VAL H 27 -40.75 -18.59 -29.30
CA VAL H 27 -40.42 -18.03 -28.00
C VAL H 27 -41.39 -16.93 -27.56
N THR H 28 -41.19 -16.40 -26.38
CA THR H 28 -41.98 -15.28 -25.93
C THR H 28 -41.52 -14.03 -26.61
N VAL H 29 -42.45 -13.13 -26.90
CA VAL H 29 -42.09 -11.78 -27.27
C VAL H 29 -42.76 -10.83 -26.25
N ASP H 30 -41.97 -9.89 -25.76
CA ASP H 30 -42.47 -8.85 -24.87
C ASP H 30 -43.30 -7.82 -25.66
N HIS H 31 -42.71 -7.37 -26.76
CA HIS H 31 -43.38 -6.47 -27.69
C HIS H 31 -42.68 -6.48 -29.04
N TYR H 32 -43.40 -6.03 -30.06
CA TYR H 32 -42.84 -5.85 -31.38
C TYR H 32 -42.68 -4.37 -31.61
N VAL H 33 -41.66 -3.99 -32.35
CA VAL H 33 -41.55 -2.62 -32.83
C VAL H 33 -41.68 -2.69 -34.35
N ILE H 34 -42.66 -1.97 -34.90
CA ILE H 34 -42.85 -1.93 -36.34
C ILE H 34 -42.22 -0.64 -36.83
N THR H 35 -41.36 -0.75 -37.83
CA THR H 35 -40.55 0.39 -38.25
C THR H 35 -40.70 0.57 -39.73
N TYR H 36 -41.18 1.73 -40.19
CA TYR H 36 -41.47 1.92 -41.62
C TYR H 36 -41.08 3.29 -42.14
N GLY H 37 -40.54 3.31 -43.34
CA GLY H 37 -40.07 4.55 -43.93
C GLY H 37 -39.78 4.39 -45.40
N GLU H 38 -39.54 5.50 -46.09
CA GLU H 38 -39.19 5.47 -47.49
C GLU H 38 -37.79 4.92 -47.60
N THR H 39 -37.67 3.81 -48.34
CA THR H 39 -36.44 3.00 -48.34
C THR H 39 -35.19 3.90 -48.24
N GLY H 40 -35.06 4.84 -49.19
CA GLY H 40 -33.99 5.83 -49.18
C GLY H 40 -33.81 6.60 -47.88
N ALA H 41 -34.51 7.72 -47.71
CA ALA H 41 -34.20 8.71 -46.64
C ALA H 41 -34.49 8.24 -45.22
N TYR H 42 -33.44 8.03 -44.45
CA TYR H 42 -33.57 7.40 -43.12
C TYR H 42 -34.23 8.30 -42.07
N TRP H 43 -34.30 9.60 -42.34
CA TRP H 43 -34.92 10.46 -41.37
C TRP H 43 -36.45 10.31 -41.46
N SER H 44 -36.95 9.80 -42.59
CA SER H 44 -38.41 9.62 -42.79
C SER H 44 -39.02 8.50 -41.96
N TYR H 45 -38.18 7.59 -41.48
CA TYR H 45 -38.63 6.40 -40.75
C TYR H 45 -39.43 6.74 -39.49
N GLN H 46 -40.58 6.11 -39.36
CA GLN H 46 -41.35 6.18 -38.14
C GLN H 46 -41.55 4.75 -37.64
N GLU H 47 -42.31 4.61 -36.58
CA GLU H 47 -42.18 3.45 -35.75
C GLU H 47 -43.33 3.41 -34.77
N PHE H 48 -43.80 2.22 -34.42
CA PHE H 48 -44.73 2.11 -33.30
C PHE H 48 -44.63 0.74 -32.66
N THR H 49 -45.21 0.61 -31.47
CA THR H 49 -44.98 -0.59 -30.68
C THR H 49 -46.25 -1.31 -30.42
N VAL H 50 -46.20 -2.62 -30.59
CA VAL H 50 -47.33 -3.49 -30.42
C VAL H 50 -46.86 -4.50 -29.38
N PRO H 51 -47.73 -4.98 -28.47
CA PRO H 51 -47.28 -5.95 -27.43
C PRO H 51 -47.20 -7.44 -27.92
N GLY H 52 -47.30 -8.44 -27.05
CA GLY H 52 -47.53 -9.83 -27.50
C GLY H 52 -48.99 -10.00 -27.98
N SER H 53 -49.39 -9.27 -29.01
CA SER H 53 -50.58 -9.58 -29.81
C SER H 53 -50.00 -10.03 -31.17
N LYS H 54 -50.67 -9.80 -32.31
CA LYS H 54 -50.16 -10.35 -33.58
C LYS H 54 -50.57 -9.74 -34.94
N THR H 55 -50.93 -8.46 -34.95
CA THR H 55 -51.41 -7.78 -36.15
C THR H 55 -51.27 -6.30 -35.99
N ALA H 56 -50.87 -5.63 -37.06
CA ALA H 56 -50.66 -4.19 -37.00
C ALA H 56 -51.24 -3.52 -38.24
N THR H 57 -51.37 -2.21 -38.15
CA THR H 57 -51.90 -1.46 -39.27
C THR H 57 -51.12 -0.15 -39.45
N ILE H 58 -50.63 0.08 -40.66
CA ILE H 58 -49.90 1.30 -40.96
C ILE H 58 -50.73 2.19 -41.90
N SER H 59 -50.77 3.48 -41.57
CA SER H 59 -51.56 4.44 -42.34
C SER H 59 -50.73 5.64 -42.75
N GLY H 60 -51.34 6.49 -43.56
CA GLY H 60 -50.74 7.77 -43.92
C GLY H 60 -49.45 7.59 -44.66
N LEU H 61 -49.46 6.66 -45.60
CA LEU H 61 -48.35 6.46 -46.50
C LEU H 61 -48.54 7.28 -47.76
N LYS H 62 -47.42 7.69 -48.35
CA LYS H 62 -47.43 8.42 -49.59
C LYS H 62 -47.61 7.40 -50.66
N PRO H 63 -48.53 7.65 -51.60
CA PRO H 63 -48.82 6.64 -52.62
C PRO H 63 -47.69 6.59 -53.67
N GLY H 64 -47.50 5.40 -54.25
CA GLY H 64 -46.47 5.17 -55.27
C GLY H 64 -45.04 5.43 -54.81
N VAL H 65 -44.75 5.11 -53.55
CA VAL H 65 -43.46 5.39 -52.95
C VAL H 65 -42.87 4.12 -52.38
N ASP H 66 -41.56 3.95 -52.49
CA ASP H 66 -40.92 2.71 -52.05
C ASP H 66 -40.68 2.67 -50.55
N TYR H 67 -41.52 1.91 -49.85
CA TYR H 67 -41.45 1.81 -48.38
C TYR H 67 -40.75 0.55 -47.97
N THR H 68 -40.24 0.56 -46.74
CA THR H 68 -39.57 -0.59 -46.15
C THR H 68 -40.12 -0.76 -44.74
N ILE H 69 -40.84 -1.85 -44.52
CA ILE H 69 -41.40 -2.17 -43.22
C ILE H 69 -40.54 -3.23 -42.57
N THR H 70 -40.26 -3.06 -41.28
CA THR H 70 -39.53 -4.04 -40.52
C THR H 70 -40.31 -4.35 -39.26
N VAL H 71 -40.31 -5.61 -38.85
CA VAL H 71 -40.89 -5.99 -37.58
C VAL H 71 -39.77 -6.53 -36.71
N TYR H 72 -39.50 -5.82 -35.62
CA TYR H 72 -38.55 -6.27 -34.66
C TYR H 72 -39.28 -6.90 -33.45
N ALA H 73 -38.90 -8.14 -33.12
CA ALA H 73 -39.51 -8.91 -32.02
C ALA H 73 -38.69 -8.88 -30.73
N TYR H 74 -38.99 -7.95 -29.82
CA TYR H 74 -38.18 -7.80 -28.60
C TYR H 74 -38.69 -8.71 -27.52
N TRP H 75 -37.82 -9.57 -27.02
CA TRP H 75 -38.09 -10.31 -25.79
C TRP H 75 -37.31 -9.57 -24.74
N GLU H 76 -37.96 -9.01 -23.74
CA GLU H 76 -37.28 -8.03 -22.88
C GLU H 76 -36.71 -6.76 -23.57
N HIS H 77 -36.95 -5.61 -22.97
CA HIS H 77 -36.35 -4.36 -23.39
C HIS H 77 -34.93 -4.52 -23.86
N MET H 78 -34.65 -4.11 -25.11
CA MET H 78 -33.24 -3.95 -25.61
C MET H 78 -32.61 -5.16 -26.35
N TYR H 79 -33.18 -6.34 -26.13
CA TYR H 79 -32.80 -7.53 -26.85
C TYR H 79 -33.98 -7.96 -27.70
N HIS H 80 -33.68 -8.34 -28.93
CA HIS H 80 -34.69 -8.62 -29.94
C HIS H 80 -34.15 -9.72 -30.86
N TYR H 81 -35.05 -10.59 -31.33
CA TYR H 81 -34.65 -11.62 -32.27
C TYR H 81 -34.61 -10.99 -33.64
N SER H 82 -33.81 -11.59 -34.52
CA SER H 82 -33.56 -11.07 -35.85
C SER H 82 -34.86 -10.67 -36.53
N PRO H 83 -34.84 -9.52 -37.18
CA PRO H 83 -36.06 -9.00 -37.73
C PRO H 83 -36.44 -9.62 -39.08
N ILE H 84 -37.65 -9.26 -39.53
CA ILE H 84 -38.13 -9.51 -40.89
C ILE H 84 -38.52 -8.17 -41.51
N SER H 85 -38.10 -7.96 -42.75
CA SER H 85 -38.43 -6.74 -43.47
C SER H 85 -39.20 -7.04 -44.73
N ILE H 86 -39.95 -6.06 -45.20
CA ILE H 86 -40.66 -6.12 -46.46
C ILE H 86 -40.47 -4.82 -47.22
N ASN H 87 -40.11 -4.91 -48.49
CA ASN H 87 -40.05 -3.75 -49.35
C ASN H 87 -41.24 -3.79 -50.27
N TYR H 88 -41.91 -2.66 -50.37
CA TYR H 88 -43.02 -2.62 -51.28
C TYR H 88 -43.35 -1.19 -51.59
N ARG H 89 -43.94 -1.04 -52.76
CA ARG H 89 -44.33 0.25 -53.28
C ARG H 89 -45.82 0.41 -53.09
N THR H 90 -46.24 1.63 -52.75
CA THR H 90 -47.61 1.86 -52.33
C THR H 90 -48.55 2.08 -53.52
HG HG I . 35.30 -27.57 18.13
HG HG J . 11.31 4.51 22.76
HG HG K . -18.86 26.45 -10.21
HG HG L . -32.44 -3.37 -33.75
#